data_7SVA
#
_entry.id   7SVA
#
_cell.length_a   1.00
_cell.length_b   1.00
_cell.length_c   1.00
_cell.angle_alpha   90.00
_cell.angle_beta   90.00
_cell.angle_gamma   90.00
#
_symmetry.space_group_name_H-M   'P 1'
#
loop_
_entity.id
_entity.type
_entity.pdbx_description
1 polymer 'Protein argonaute 10'
2 polymer "RNA (5'-R(P*UP*GP*GP*AP*GP*UP*GP*UP*GP*AP*CP*AP*AP*UP*GP*GP*UP*GP*UP*UP*U)-3')"
3 non-polymer 'MAGNESIUM ION'
#
loop_
_entity_poly.entity_id
_entity_poly.type
_entity_poly.pdbx_seq_one_letter_code
_entity_poly.pdbx_strand_id
1 'polypeptide(L)'
;MPIRQMKDSSETHLVIKTQPLKHHNPKTVQNGKIPPPSPSPVTVTTPATVTQSQASSPSPPSKNRSRRRNRGGRKSDQGD
VCMRPSSRPRKPPPPSQTTSSAVSVATAGEIVAVNHQMQMGVRKNSNFAPRPGFGTLGTKCIVKANHFLADLPTKDLNQY
DVTITPEVSSKSVNRAIIAELVRLYKESDLGRRLPAYDGRKSLYTAGELPFTWKEFSVKIVDEDDGIINGPKRERSYKVA
IKFVARANMHHLGEFLAGKRADCPQEAVQILDIVLRELSVKRFCPVGRSFFSPDIKTPQRLGEGLESWCGFYQSIRPTQM
GLSLNIDMASAAFIEPLPVIEFVAQLLGKDVLSKPLSDSDRVKIKKGLRGVKVEVTHRANVRRKYRVAGLTTQPTRELMF
PVDENCTMKSVIEYFQEMYGFTIQHTHLPCLQVGNQKKASYLPMEACKIVEGQRYTKRLNEKQITALLKVTCQRPRDREN
DILRTVQHNAYDQDPYAKEFGMNISEKLASVEARILPAPWLKYHENGKEKDCLPQVGQWNMMNKKMINGMTVSRWACVNF
SRSVQENVARGFCNELGQMCEVSGMEFNPEPVIPIYSARPDQVEKALKHVYHTSMNKTKGKELELLLAILPDNNGSLYGD
LKRICETELGLISQCCLTKHVFKISKQYLANVSLKINVKMGGRNTVLVDAISCRIPLVSDIPTIIFGADVTHPENGEESS
PSIAAVVASQDWPEVTKYAGLVCAQAHRQELIQDLYKTWQDPVRGTVSGGMIRDLLISFRKATGQKPLRIIFYRAGVSEG
QFYQVLLYELDAIRKACASLEPNYQPPVTFIVVQKRHHTRLFANNHRDKNSTDRSGNILPGTVVDTKICHPTEFDFYLCS
HAGIQGTSRPAHYHVLWDENNFTADGIQSLTNNLCYTYARCTRSVSIVPPAYYAHLAAFRARFYLEPEIMQDNGSPGKKN
TKTTTVGDVGVKPLPALKENVKRVMFYC
;
A
2 'polyribonucleotide' UGGAGUGUGACAAUGGUGUUU B
#
loop_
_chem_comp.id
_chem_comp.type
_chem_comp.name
_chem_comp.formula
A RNA linking ADENOSINE-5'-MONOPHOSPHATE 'C10 H14 N5 O7 P'
C RNA linking CYTIDINE-5'-MONOPHOSPHATE 'C9 H14 N3 O8 P'
G RNA linking GUANOSINE-5'-MONOPHOSPHATE 'C10 H14 N5 O8 P'
MG non-polymer 'MAGNESIUM ION' 'Mg 2'
U RNA linking URIDINE-5'-MONOPHOSPHATE 'C9 H13 N2 O9 P'
#
# COMPACT_ATOMS: atom_id res chain seq x y z
N SER A 126 -10.73 -24.35 -10.32
CA SER A 126 -10.47 -25.06 -9.08
C SER A 126 -10.15 -24.07 -7.94
N ASN A 127 -9.92 -24.62 -6.75
CA ASN A 127 -9.60 -23.80 -5.59
C ASN A 127 -8.12 -23.42 -5.63
N PHE A 128 -7.61 -22.87 -4.53
CA PHE A 128 -6.24 -22.37 -4.48
C PHE A 128 -5.27 -23.52 -4.26
N ALA A 129 -4.01 -23.19 -4.02
CA ALA A 129 -2.96 -24.19 -3.85
C ALA A 129 -2.84 -24.58 -2.38
N PRO A 130 -3.02 -25.85 -2.02
CA PRO A 130 -2.87 -26.24 -0.62
C PRO A 130 -1.43 -26.12 -0.14
N ARG A 131 -1.28 -25.91 1.16
CA ARG A 131 0.04 -25.76 1.75
C ARG A 131 0.77 -27.08 1.73
N PRO A 132 1.97 -27.16 1.12
CA PRO A 132 2.66 -28.45 1.01
C PRO A 132 3.27 -28.91 2.32
N GLY A 133 3.65 -27.97 3.17
CA GLY A 133 4.29 -28.31 4.42
C GLY A 133 4.78 -27.07 5.13
N PHE A 134 5.55 -27.31 6.19
CA PHE A 134 6.08 -26.24 7.03
C PHE A 134 7.59 -26.16 6.87
N GLY A 135 8.10 -24.92 6.90
CA GLY A 135 9.52 -24.71 6.69
C GLY A 135 10.36 -25.20 7.86
N THR A 136 11.65 -25.40 7.58
CA THR A 136 12.59 -25.89 8.58
C THR A 136 13.87 -25.07 8.67
N LEU A 137 14.30 -24.43 7.58
CA LEU A 137 15.56 -23.70 7.56
C LEU A 137 15.53 -22.52 8.52
N GLY A 138 16.71 -22.12 8.97
CA GLY A 138 16.86 -21.01 9.89
C GLY A 138 16.89 -21.44 11.34
N THR A 139 17.44 -20.57 12.17
CA THR A 139 17.54 -20.83 13.61
C THR A 139 16.21 -20.53 14.28
N LYS A 140 15.81 -21.40 15.19
CA LYS A 140 14.52 -21.26 15.86
C LYS A 140 14.51 -20.06 16.80
N CYS A 141 13.37 -19.38 16.85
CA CYS A 141 13.18 -18.27 17.76
C CYS A 141 11.68 -18.12 18.02
N ILE A 142 11.35 -17.37 19.06
CA ILE A 142 9.96 -17.21 19.50
C ILE A 142 9.59 -15.74 19.37
N VAL A 143 8.43 -15.48 18.75
CA VAL A 143 7.89 -14.15 18.62
C VAL A 143 6.47 -14.15 19.19
N LYS A 144 5.92 -12.94 19.35
CA LYS A 144 4.58 -12.77 19.91
C LYS A 144 3.72 -12.01 18.89
N ALA A 145 2.73 -12.69 18.35
CA ALA A 145 1.79 -12.06 17.43
C ALA A 145 0.70 -11.32 18.21
N ASN A 146 -0.09 -10.53 17.48
CA ASN A 146 -1.19 -9.77 18.08
C ASN A 146 -2.54 -10.44 17.82
N HIS A 147 -2.55 -11.75 17.65
CA HIS A 147 -3.77 -12.51 17.44
C HIS A 147 -4.19 -13.17 18.75
N PHE A 148 -5.44 -12.98 19.13
CA PHE A 148 -5.97 -13.47 20.40
C PHE A 148 -6.97 -14.58 20.12
N LEU A 149 -6.75 -15.74 20.75
CA LEU A 149 -7.54 -16.93 20.45
C LEU A 149 -9.00 -16.74 20.87
N ALA A 150 -9.91 -17.09 19.96
CA ALA A 150 -11.34 -17.02 20.21
C ALA A 150 -11.93 -18.42 20.07
N ASP A 151 -12.79 -18.80 21.00
CA ASP A 151 -13.42 -20.12 20.99
C ASP A 151 -14.84 -19.98 20.46
N LEU A 152 -15.12 -20.70 19.36
CA LEU A 152 -16.43 -20.61 18.73
C LEU A 152 -17.49 -21.28 19.60
N PRO A 153 -18.71 -20.77 19.60
CA PRO A 153 -19.79 -21.37 20.40
C PRO A 153 -20.62 -22.34 19.57
N THR A 154 -21.53 -23.02 20.26
CA THR A 154 -22.50 -23.93 19.64
C THR A 154 -23.89 -23.59 20.17
N LYS A 155 -24.55 -22.62 19.51
CA LYS A 155 -25.86 -22.15 19.94
C LYS A 155 -26.87 -22.10 18.81
N ASP A 156 -26.51 -22.61 17.62
CA ASP A 156 -27.38 -22.58 16.44
C ASP A 156 -27.80 -21.14 16.11
N LEU A 157 -26.81 -20.33 15.78
CA LEU A 157 -27.03 -18.92 15.50
C LEU A 157 -27.88 -18.76 14.24
N ASN A 158 -28.78 -17.79 14.27
CA ASN A 158 -29.72 -17.55 13.18
C ASN A 158 -29.66 -16.10 12.73
N GLN A 159 -29.99 -15.88 11.47
CA GLN A 159 -29.97 -14.56 10.86
C GLN A 159 -31.39 -14.16 10.47
N TYR A 160 -31.78 -12.94 10.84
CA TYR A 160 -33.09 -12.40 10.54
C TYR A 160 -32.94 -11.18 9.64
N ASP A 161 -33.66 -11.18 8.53
CA ASP A 161 -33.58 -10.08 7.58
C ASP A 161 -34.25 -8.82 8.14
N VAL A 162 -33.80 -7.67 7.66
CA VAL A 162 -34.32 -6.38 8.08
C VAL A 162 -34.81 -5.62 6.84
N THR A 163 -36.05 -5.13 6.91
CA THR A 163 -36.63 -4.33 5.84
C THR A 163 -37.33 -3.14 6.48
N ILE A 164 -36.90 -1.93 6.11
CA ILE A 164 -37.42 -0.69 6.69
C ILE A 164 -37.98 0.17 5.56
N THR A 165 -39.21 0.63 5.73
CA THR A 165 -39.88 1.49 4.78
C THR A 165 -40.25 2.81 5.44
N PRO A 166 -39.86 3.96 4.86
CA PRO A 166 -39.09 4.10 3.63
C PRO A 166 -37.62 3.75 3.78
N GLU A 167 -36.98 3.35 2.68
CA GLU A 167 -35.59 2.92 2.72
C GLU A 167 -34.68 4.11 2.98
N VAL A 168 -33.81 3.97 3.97
CA VAL A 168 -32.78 4.96 4.29
C VAL A 168 -31.44 4.25 4.33
N SER A 169 -30.47 4.79 3.59
CA SER A 169 -29.14 4.21 3.52
C SER A 169 -28.22 4.70 4.62
N SER A 170 -28.77 5.25 5.70
CA SER A 170 -27.99 5.75 6.82
C SER A 170 -27.85 4.62 7.85
N LYS A 171 -26.63 4.08 7.97
CA LYS A 171 -26.39 2.96 8.87
C LYS A 171 -26.69 3.34 10.31
N SER A 172 -26.29 4.55 10.73
CA SER A 172 -26.56 4.99 12.09
C SER A 172 -28.06 5.09 12.35
N VAL A 173 -28.81 5.63 11.38
CA VAL A 173 -30.25 5.76 11.55
C VAL A 173 -30.91 4.37 11.65
N ASN A 174 -30.50 3.44 10.78
CA ASN A 174 -31.07 2.10 10.84
C ASN A 174 -30.72 1.42 12.17
N ARG A 175 -29.48 1.59 12.65
CA ARG A 175 -29.10 1.00 13.93
C ARG A 175 -29.92 1.58 15.07
N ALA A 176 -30.14 2.90 15.06
CA ALA A 176 -30.96 3.52 16.09
C ALA A 176 -32.40 3.01 16.04
N ILE A 177 -32.94 2.86 14.83
CA ILE A 177 -34.31 2.34 14.68
C ILE A 177 -34.39 0.92 15.24
N ILE A 178 -33.41 0.08 14.91
CA ILE A 178 -33.43 -1.29 15.40
C ILE A 178 -33.28 -1.34 16.91
N ALA A 179 -32.42 -0.48 17.48
CA ALA A 179 -32.25 -0.44 18.92
C ALA A 179 -33.54 -0.01 19.61
N GLU A 180 -34.23 1.00 19.06
CA GLU A 180 -35.50 1.42 19.64
C GLU A 180 -36.55 0.32 19.54
N LEU A 181 -36.58 -0.39 18.40
CA LEU A 181 -37.51 -1.50 18.26
C LEU A 181 -37.24 -2.59 19.28
N VAL A 182 -35.96 -2.91 19.50
CA VAL A 182 -35.60 -3.92 20.48
C VAL A 182 -36.01 -3.48 21.88
N ARG A 183 -35.75 -2.21 22.21
CA ARG A 183 -36.12 -1.71 23.53
C ARG A 183 -37.64 -1.74 23.73
N LEU A 184 -38.39 -1.48 22.66
CA LEU A 184 -39.86 -1.50 22.78
C LEU A 184 -40.38 -2.93 22.92
N TYR A 185 -39.87 -3.86 22.13
CA TYR A 185 -40.46 -5.19 22.03
C TYR A 185 -39.48 -6.30 22.37
N LYS A 186 -38.61 -6.09 23.37
CA LYS A 186 -37.71 -7.15 23.79
C LYS A 186 -38.46 -8.25 24.53
N GLU A 187 -39.34 -7.88 25.44
CA GLU A 187 -40.11 -8.84 26.23
C GLU A 187 -41.49 -9.12 25.65
N SER A 188 -41.83 -8.51 24.52
CA SER A 188 -43.16 -8.71 23.94
C SER A 188 -43.25 -10.05 23.21
N ASP A 189 -42.43 -10.23 22.16
CA ASP A 189 -42.45 -11.47 21.39
C ASP A 189 -41.05 -11.94 21.01
N LEU A 190 -40.00 -11.27 21.46
CA LEU A 190 -38.63 -11.71 21.16
C LEU A 190 -38.16 -12.83 22.05
N GLY A 191 -38.91 -13.18 23.09
CA GLY A 191 -38.49 -14.24 24.00
C GLY A 191 -37.29 -13.90 24.85
N ARG A 192 -37.07 -12.62 25.14
CA ARG A 192 -35.92 -12.14 25.91
C ARG A 192 -34.59 -12.49 25.25
N ARG A 193 -34.61 -12.75 23.94
CA ARG A 193 -33.39 -13.02 23.18
C ARG A 193 -32.89 -11.69 22.63
N LEU A 194 -31.59 -11.45 22.75
CA LEU A 194 -31.02 -10.15 22.41
C LEU A 194 -30.45 -10.18 20.99
N PRO A 195 -31.04 -9.45 20.04
CA PRO A 195 -30.55 -9.49 18.66
C PRO A 195 -29.21 -8.78 18.50
N ALA A 196 -28.56 -9.05 17.37
CA ALA A 196 -27.36 -8.34 16.94
C ALA A 196 -27.56 -7.89 15.50
N TYR A 197 -27.61 -6.58 15.29
CA TYR A 197 -27.96 -6.01 14.00
C TYR A 197 -26.70 -5.57 13.28
N ASP A 198 -26.53 -6.03 12.03
CA ASP A 198 -25.29 -5.76 11.31
C ASP A 198 -25.11 -4.27 11.01
N GLY A 199 -26.22 -3.54 10.86
CA GLY A 199 -26.14 -2.12 10.60
C GLY A 199 -26.97 -1.66 9.43
N ARG A 200 -27.05 -2.48 8.38
CA ARG A 200 -27.78 -2.11 7.17
C ARG A 200 -28.98 -3.00 6.91
N LYS A 201 -28.79 -4.31 6.79
CA LYS A 201 -29.89 -5.18 6.38
C LYS A 201 -30.01 -6.50 7.13
N SER A 202 -29.03 -6.89 7.96
CA SER A 202 -29.02 -8.21 8.56
C SER A 202 -29.05 -8.11 10.08
N LEU A 203 -29.88 -8.95 10.70
CA LEU A 203 -29.99 -9.04 12.15
C LEU A 203 -29.75 -10.49 12.56
N TYR A 204 -28.87 -10.68 13.55
CA TYR A 204 -28.49 -12.01 14.01
C TYR A 204 -28.86 -12.18 15.47
N THR A 205 -29.43 -13.34 15.81
CA THR A 205 -29.87 -13.63 17.16
C THR A 205 -29.42 -15.03 17.53
N ALA A 206 -28.83 -15.16 18.73
CA ALA A 206 -28.47 -16.48 19.25
C ALA A 206 -29.73 -17.30 19.48
N GLY A 207 -29.72 -18.55 19.00
CA GLY A 207 -30.91 -19.37 19.05
C GLY A 207 -31.93 -18.95 18.01
N GLU A 208 -33.21 -19.23 18.26
CA GLU A 208 -34.28 -18.88 17.33
C GLU A 208 -35.34 -18.09 18.07
N LEU A 209 -35.78 -16.98 17.47
CA LEU A 209 -36.85 -16.18 18.05
C LEU A 209 -38.17 -16.94 18.00
N PRO A 210 -39.08 -16.67 18.95
CA PRO A 210 -40.35 -17.41 18.98
C PRO A 210 -41.33 -17.00 17.90
N PHE A 211 -40.90 -16.15 16.98
CA PHE A 211 -41.75 -15.68 15.88
C PHE A 211 -40.99 -15.79 14.57
N THR A 212 -41.74 -15.72 13.47
CA THR A 212 -41.18 -15.83 12.13
C THR A 212 -41.30 -14.54 11.33
N TRP A 213 -42.51 -13.99 11.19
CA TRP A 213 -42.71 -12.78 10.39
C TRP A 213 -43.69 -11.87 11.14
N LYS A 214 -43.15 -10.93 11.92
CA LYS A 214 -43.94 -9.89 12.56
C LYS A 214 -43.31 -8.54 12.27
N GLU A 215 -44.16 -7.52 12.18
CA GLU A 215 -43.74 -6.17 11.83
C GLU A 215 -44.02 -5.23 13.00
N PHE A 216 -43.04 -4.38 13.30
CA PHE A 216 -43.15 -3.40 14.38
C PHE A 216 -42.99 -1.99 13.81
N SER A 217 -43.78 -1.06 14.34
CA SER A 217 -43.73 0.33 13.93
C SER A 217 -42.86 1.11 14.91
N VAL A 218 -41.90 1.87 14.39
CA VAL A 218 -40.96 2.63 15.18
C VAL A 218 -41.16 4.11 14.88
N LYS A 219 -41.40 4.91 15.91
CA LYS A 219 -41.58 6.35 15.79
C LYS A 219 -40.41 7.04 16.49
N ILE A 220 -39.57 7.71 15.71
CA ILE A 220 -38.40 8.39 16.27
C ILE A 220 -38.82 9.60 17.09
N GLU A 234 -41.84 13.70 14.93
CA GLU A 234 -41.65 12.29 15.24
C GLU A 234 -41.89 11.43 14.00
N ARG A 235 -40.84 11.24 13.20
CA ARG A 235 -40.94 10.42 12.01
C ARG A 235 -41.16 8.96 12.39
N SER A 236 -42.03 8.29 11.64
CA SER A 236 -42.39 6.90 11.89
C SER A 236 -41.84 6.00 10.79
N TYR A 237 -41.39 4.81 11.18
CA TYR A 237 -40.84 3.84 10.24
C TYR A 237 -41.47 2.48 10.48
N LYS A 238 -41.60 1.71 9.41
CA LYS A 238 -42.12 0.35 9.46
C LYS A 238 -40.97 -0.63 9.23
N VAL A 239 -40.84 -1.60 10.13
CA VAL A 239 -39.73 -2.55 10.11
C VAL A 239 -40.31 -3.95 9.91
N ALA A 240 -39.76 -4.68 8.94
CA ALA A 240 -40.16 -6.05 8.66
C ALA A 240 -38.99 -6.98 9.00
N ILE A 241 -39.27 -7.98 9.83
CA ILE A 241 -38.25 -8.93 10.29
C ILE A 241 -38.72 -10.33 9.91
N LYS A 242 -37.84 -11.08 9.25
CA LYS A 242 -38.14 -12.44 8.82
C LYS A 242 -36.93 -13.33 9.02
N PHE A 243 -37.17 -14.54 9.53
CA PHE A 243 -36.10 -15.51 9.69
C PHE A 243 -35.64 -15.99 8.32
N VAL A 244 -34.31 -15.99 8.10
CA VAL A 244 -33.75 -16.33 6.80
C VAL A 244 -33.28 -17.77 6.78
N ALA A 245 -32.29 -18.08 7.61
CA ALA A 245 -31.69 -19.41 7.64
C ALA A 245 -30.85 -19.53 8.92
N ARG A 246 -30.28 -20.71 9.12
CA ARG A 246 -29.45 -20.99 10.28
C ARG A 246 -28.04 -21.31 9.83
N ALA A 247 -27.06 -20.59 10.38
CA ALA A 247 -25.67 -20.84 10.05
C ALA A 247 -25.14 -22.04 10.83
N ASN A 248 -24.00 -22.56 10.36
CA ASN A 248 -23.41 -23.76 10.93
C ASN A 248 -22.07 -23.43 11.56
N MET A 249 -21.99 -23.57 12.89
CA MET A 249 -20.71 -23.42 13.58
C MET A 249 -19.81 -24.64 13.36
N HIS A 250 -20.41 -25.81 13.12
CA HIS A 250 -19.61 -26.99 12.83
C HIS A 250 -18.83 -26.83 11.53
N HIS A 251 -19.39 -26.10 10.56
CA HIS A 251 -18.63 -25.78 9.35
C HIS A 251 -17.41 -24.95 9.68
N LEU A 252 -17.56 -23.96 10.58
CA LEU A 252 -16.43 -23.16 11.01
C LEU A 252 -15.38 -24.03 11.71
N GLY A 253 -15.81 -24.94 12.57
CA GLY A 253 -14.87 -25.82 13.23
C GLY A 253 -14.14 -26.73 12.26
N GLU A 254 -14.86 -27.26 11.27
CA GLU A 254 -14.25 -28.11 10.26
C GLU A 254 -13.23 -27.34 9.42
N PHE A 255 -13.56 -26.10 9.05
CA PHE A 255 -12.62 -25.27 8.30
C PHE A 255 -11.38 -24.95 9.12
N LEU A 256 -11.57 -24.63 10.41
CA LEU A 256 -10.44 -24.29 11.26
C LEU A 256 -9.58 -25.50 11.61
N ALA A 257 -10.15 -26.70 11.57
CA ALA A 257 -9.39 -27.91 11.84
C ALA A 257 -8.63 -28.41 10.62
N GLY A 258 -8.81 -27.78 9.46
CA GLY A 258 -8.11 -28.19 8.26
C GLY A 258 -8.73 -29.35 7.51
N LYS A 259 -9.99 -29.67 7.81
CA LYS A 259 -10.66 -30.80 7.17
C LYS A 259 -11.38 -30.43 5.89
N ARG A 260 -11.33 -29.17 5.47
CA ARG A 260 -11.97 -28.74 4.23
C ARG A 260 -11.22 -27.51 3.71
N ALA A 261 -11.80 -26.84 2.73
CA ALA A 261 -11.18 -25.65 2.14
C ALA A 261 -12.14 -24.50 1.92
N ASP A 262 -13.41 -24.63 2.26
CA ASP A 262 -14.40 -23.57 2.08
C ASP A 262 -14.57 -22.81 3.39
N CYS A 263 -14.43 -21.49 3.31
CA CYS A 263 -14.49 -20.66 4.51
C CYS A 263 -15.92 -20.21 4.76
N PRO A 264 -16.49 -20.48 5.94
CA PRO A 264 -17.84 -20.00 6.23
C PRO A 264 -17.88 -18.50 6.49
N GLN A 265 -17.94 -17.73 5.40
CA GLN A 265 -18.05 -16.28 5.51
C GLN A 265 -19.24 -15.87 6.36
N GLU A 266 -20.35 -16.59 6.26
CA GLU A 266 -21.53 -16.25 7.05
C GLU A 266 -21.24 -16.33 8.54
N ALA A 267 -20.70 -17.46 9.00
CA ALA A 267 -20.39 -17.62 10.41
C ALA A 267 -19.34 -16.63 10.88
N VAL A 268 -18.30 -16.41 10.06
CA VAL A 268 -17.26 -15.47 10.45
C VAL A 268 -17.82 -14.06 10.60
N GLN A 269 -18.66 -13.63 9.65
CA GLN A 269 -19.25 -12.31 9.72
C GLN A 269 -20.19 -12.18 10.91
N ILE A 270 -20.97 -13.23 11.20
CA ILE A 270 -21.86 -13.19 12.35
C ILE A 270 -21.07 -13.03 13.64
N LEU A 271 -20.00 -13.81 13.79
CA LEU A 271 -19.17 -13.68 14.99
C LEU A 271 -18.53 -12.31 15.08
N ASP A 272 -18.05 -11.78 13.94
CA ASP A 272 -17.44 -10.45 13.94
C ASP A 272 -18.43 -9.39 14.38
N ILE A 273 -19.66 -9.44 13.86
CA ILE A 273 -20.63 -8.39 14.18
C ILE A 273 -21.10 -8.52 15.62
N VAL A 274 -21.30 -9.75 16.11
CA VAL A 274 -21.74 -9.88 17.50
C VAL A 274 -20.63 -9.46 18.45
N LEU A 275 -19.37 -9.61 18.04
CA LEU A 275 -18.28 -9.12 18.86
C LEU A 275 -18.15 -7.60 18.82
N ARG A 276 -18.46 -6.99 17.67
CA ARG A 276 -18.28 -5.56 17.50
C ARG A 276 -19.52 -4.73 17.79
N GLU A 277 -20.62 -5.36 18.20
CA GLU A 277 -21.80 -4.58 18.63
C GLU A 277 -21.44 -3.57 19.71
N LEU A 278 -20.81 -4.03 20.79
CA LEU A 278 -20.50 -3.13 21.90
C LEU A 278 -19.48 -2.07 21.49
N SER A 279 -18.51 -2.45 20.65
CA SER A 279 -17.54 -1.47 20.16
C SER A 279 -18.22 -0.40 19.32
N VAL A 280 -19.20 -0.79 18.50
CA VAL A 280 -19.96 0.18 17.72
C VAL A 280 -20.74 1.10 18.65
N LYS A 281 -21.36 0.53 19.69
CA LYS A 281 -22.13 1.35 20.61
C LYS A 281 -21.25 2.35 21.36
N ARG A 282 -20.06 1.94 21.79
CA ARG A 282 -19.20 2.78 22.62
C ARG A 282 -18.22 3.63 21.83
N PHE A 283 -18.11 3.44 20.52
CA PHE A 283 -17.10 4.14 19.74
C PHE A 283 -17.74 4.65 18.45
N CYS A 284 -16.91 5.14 17.52
CA CYS A 284 -17.36 5.66 16.24
C CYS A 284 -16.83 4.76 15.13
N PRO A 285 -17.67 3.92 14.51
CA PRO A 285 -17.15 2.98 13.50
C PRO A 285 -16.69 3.69 12.24
N VAL A 286 -15.54 3.25 11.74
CA VAL A 286 -14.98 3.74 10.48
C VAL A 286 -14.75 2.52 9.61
N GLY A 287 -15.56 1.48 9.82
CA GLY A 287 -15.38 0.22 9.12
C GLY A 287 -15.04 -0.90 10.06
N ARG A 288 -13.81 -1.40 9.99
CA ARG A 288 -13.33 -2.44 10.89
C ARG A 288 -12.55 -1.87 12.07
N SER A 289 -12.48 -0.55 12.20
CA SER A 289 -11.77 0.09 13.29
C SER A 289 -12.72 1.00 14.05
N PHE A 290 -12.75 0.84 15.37
CA PHE A 290 -13.62 1.64 16.25
C PHE A 290 -12.71 2.42 17.19
N PHE A 291 -12.52 3.70 16.91
CA PHE A 291 -11.64 4.56 17.68
C PHE A 291 -12.34 5.86 18.04
N SER A 292 -12.20 6.26 19.30
CA SER A 292 -12.91 7.40 19.89
C SER A 292 -11.96 8.20 20.78
N PRO A 293 -12.30 9.45 21.13
CA PRO A 293 -11.41 10.23 22.00
C PRO A 293 -11.42 9.74 23.44
N ASP A 294 -10.77 10.50 24.32
CA ASP A 294 -10.67 10.28 25.77
C ASP A 294 -10.07 8.92 26.12
N ILE A 295 -9.43 8.27 25.16
CA ILE A 295 -8.65 7.07 25.44
C ILE A 295 -7.16 7.26 25.15
N LYS A 296 -6.78 8.22 24.31
CA LYS A 296 -5.37 8.52 24.08
C LYS A 296 -5.10 10.02 24.00
N THR A 297 -6.05 10.86 24.40
CA THR A 297 -5.90 12.31 24.42
C THR A 297 -5.56 12.83 23.02
N PRO A 298 -6.51 12.84 22.09
CA PRO A 298 -6.22 13.35 20.75
C PRO A 298 -5.71 14.78 20.80
N GLN A 299 -4.73 15.09 19.95
CA GLN A 299 -4.04 16.36 20.00
C GLN A 299 -3.88 16.91 18.59
N ARG A 300 -3.32 18.12 18.51
CA ARG A 300 -3.28 18.87 17.26
C ARG A 300 -2.48 18.13 16.19
N LEU A 301 -2.97 18.18 14.95
CA LEU A 301 -2.28 17.58 13.83
C LEU A 301 -1.72 18.63 12.87
N GLY A 302 -2.55 19.57 12.43
CA GLY A 302 -2.09 20.61 11.53
C GLY A 302 -3.16 21.09 10.59
N GLU A 303 -3.26 22.42 10.43
CA GLU A 303 -4.23 23.05 9.54
C GLU A 303 -5.66 22.64 9.90
N GLY A 304 -5.98 22.80 11.19
CA GLY A 304 -7.33 22.56 11.66
C GLY A 304 -7.62 21.15 12.13
N LEU A 305 -7.64 20.19 11.21
CA LEU A 305 -8.01 18.83 11.56
C LEU A 305 -6.99 18.19 12.49
N GLU A 306 -7.48 17.29 13.34
CA GLU A 306 -6.67 16.58 14.31
C GLU A 306 -6.72 15.08 14.02
N SER A 307 -6.14 14.29 14.93
CA SER A 307 -6.07 12.85 14.77
C SER A 307 -6.58 12.16 16.03
N TRP A 308 -7.32 11.08 15.82
CA TRP A 308 -7.84 10.25 16.91
C TRP A 308 -7.06 8.94 16.96
N CYS A 309 -7.23 8.21 18.06
CA CYS A 309 -6.50 6.98 18.29
C CYS A 309 -7.45 5.88 18.74
N GLY A 310 -7.05 4.64 18.47
CA GLY A 310 -7.86 3.50 18.87
C GLY A 310 -7.39 2.24 18.18
N PHE A 311 -8.22 1.21 18.29
CA PHE A 311 -7.86 -0.12 17.83
C PHE A 311 -8.52 -0.44 16.50
N TYR A 312 -8.05 -1.53 15.89
CA TYR A 312 -8.63 -2.12 14.69
C TYR A 312 -8.98 -3.56 15.00
N GLN A 313 -10.26 -3.91 14.88
CA GLN A 313 -10.74 -5.23 15.27
C GLN A 313 -11.34 -5.94 14.06
N SER A 314 -10.89 -7.17 13.83
CA SER A 314 -11.44 -7.99 12.74
C SER A 314 -11.11 -9.44 13.03
N ILE A 315 -12.13 -10.27 13.23
CA ILE A 315 -11.90 -11.69 13.47
C ILE A 315 -11.45 -12.35 12.17
N ARG A 316 -10.64 -13.40 12.31
CA ARG A 316 -10.10 -14.09 11.15
C ARG A 316 -9.91 -15.56 11.46
N PRO A 317 -10.20 -16.45 10.53
CA PRO A 317 -9.95 -17.88 10.74
C PRO A 317 -8.49 -18.22 10.46
N THR A 318 -7.76 -18.55 11.53
CA THR A 318 -6.35 -18.87 11.43
C THR A 318 -6.12 -20.35 11.76
N GLN A 319 -4.84 -20.74 11.76
CA GLN A 319 -4.49 -22.14 11.97
C GLN A 319 -4.87 -22.61 13.37
N MET A 320 -4.64 -21.77 14.38
CA MET A 320 -4.91 -22.15 15.76
C MET A 320 -6.36 -21.95 16.16
N GLY A 321 -7.19 -21.45 15.26
CA GLY A 321 -8.57 -21.14 15.55
C GLY A 321 -8.88 -19.68 15.24
N LEU A 322 -10.08 -19.26 15.64
CA LEU A 322 -10.49 -17.88 15.41
C LEU A 322 -9.59 -16.94 16.20
N SER A 323 -9.15 -15.87 15.54
CA SER A 323 -8.23 -14.91 16.13
C SER A 323 -8.82 -13.51 16.01
N LEU A 324 -8.83 -12.78 17.12
CA LEU A 324 -9.25 -11.38 17.12
C LEU A 324 -8.03 -10.52 16.83
N ASN A 325 -7.95 -9.99 15.61
CA ASN A 325 -6.76 -9.27 15.16
C ASN A 325 -6.83 -7.82 15.61
N ILE A 326 -6.61 -7.63 16.91
CA ILE A 326 -6.60 -6.29 17.50
C ILE A 326 -5.27 -5.62 17.20
N ASP A 327 -5.33 -4.40 16.67
CA ASP A 327 -4.13 -3.63 16.38
C ASP A 327 -4.46 -2.15 16.51
N MET A 328 -3.50 -1.38 17.02
CA MET A 328 -3.69 0.05 17.17
C MET A 328 -3.81 0.72 15.80
N ALA A 329 -4.57 1.82 15.76
CA ALA A 329 -4.82 2.53 14.52
C ALA A 329 -5.11 3.99 14.85
N SER A 330 -5.05 4.82 13.81
CA SER A 330 -5.32 6.25 13.96
C SER A 330 -5.79 6.80 12.63
N ALA A 331 -6.55 7.89 12.70
CA ALA A 331 -7.07 8.55 11.50
C ALA A 331 -7.37 10.00 11.83
N ALA A 332 -7.56 10.79 10.78
CA ALA A 332 -7.72 12.24 10.91
C ALA A 332 -9.19 12.61 11.14
N PHE A 333 -9.41 13.54 12.06
CA PHE A 333 -10.74 14.04 12.37
C PHE A 333 -10.72 15.56 12.38
N ILE A 334 -11.90 16.15 12.14
CA ILE A 334 -12.05 17.60 12.12
C ILE A 334 -12.40 18.08 13.52
N GLU A 335 -11.67 19.08 14.01
CA GLU A 335 -11.87 19.56 15.36
C GLU A 335 -13.18 20.33 15.48
N PRO A 336 -13.92 20.15 16.57
CA PRO A 336 -15.14 20.95 16.77
C PRO A 336 -14.83 22.41 17.05
N LEU A 337 -14.46 23.15 16.01
CA LEU A 337 -14.10 24.55 16.11
C LEU A 337 -15.10 25.41 15.35
N PRO A 338 -15.26 26.67 15.72
CA PRO A 338 -16.11 27.57 14.94
C PRO A 338 -15.57 27.74 13.52
N VAL A 339 -16.46 28.21 12.64
CA VAL A 339 -16.10 28.34 11.23
C VAL A 339 -14.97 29.35 11.07
N ILE A 340 -15.03 30.47 11.80
CA ILE A 340 -13.99 31.48 11.70
C ILE A 340 -12.64 30.91 12.12
N GLU A 341 -12.60 30.23 13.26
CA GLU A 341 -11.35 29.67 13.76
C GLU A 341 -10.81 28.60 12.83
N PHE A 342 -11.68 27.73 12.32
CA PHE A 342 -11.23 26.68 11.41
C PHE A 342 -10.68 27.27 10.11
N VAL A 343 -11.36 28.28 9.57
CA VAL A 343 -10.90 28.91 8.34
C VAL A 343 -9.56 29.59 8.57
N ALA A 344 -9.41 30.30 9.70
CA ALA A 344 -8.15 30.96 10.00
C ALA A 344 -7.02 29.96 10.15
N GLN A 345 -7.28 28.84 10.84
CA GLN A 345 -6.24 27.83 11.03
C GLN A 345 -5.86 27.17 9.70
N LEU A 346 -6.86 26.87 8.86
CA LEU A 346 -6.55 26.25 7.58
C LEU A 346 -5.76 27.19 6.68
N LEU A 347 -6.14 28.47 6.65
CA LEU A 347 -5.40 29.46 5.87
C LEU A 347 -4.12 29.92 6.57
N GLY A 348 -4.04 29.76 7.88
CA GLY A 348 -2.87 30.21 8.61
C GLY A 348 -2.71 31.72 8.68
N LYS A 349 -3.79 32.47 8.49
CA LYS A 349 -3.72 33.93 8.50
C LYS A 349 -5.09 34.46 8.91
N ASP A 350 -5.28 35.76 8.74
CA ASP A 350 -6.53 36.44 9.06
C ASP A 350 -7.15 36.98 7.78
N VAL A 351 -8.45 36.74 7.61
CA VAL A 351 -9.16 37.17 6.42
C VAL A 351 -10.30 38.12 6.81
N LEU A 352 -10.09 38.87 7.89
CA LEU A 352 -11.12 39.80 8.35
C LEU A 352 -11.44 40.86 7.31
N SER A 353 -10.43 41.39 6.64
CA SER A 353 -10.62 42.41 5.62
C SER A 353 -10.14 42.00 4.23
N LYS A 354 -9.51 40.84 4.09
CA LYS A 354 -8.97 40.42 2.81
C LYS A 354 -9.85 39.33 2.20
N PRO A 355 -10.55 39.61 1.10
CA PRO A 355 -11.34 38.56 0.45
C PRO A 355 -10.46 37.46 -0.10
N LEU A 356 -11.01 36.25 -0.12
CA LEU A 356 -10.26 35.08 -0.58
C LEU A 356 -10.01 35.16 -2.08
N SER A 357 -8.84 34.67 -2.48
CA SER A 357 -8.49 34.59 -3.89
C SER A 357 -9.15 33.35 -4.51
N ASP A 358 -8.95 33.18 -5.83
CA ASP A 358 -9.52 32.02 -6.50
C ASP A 358 -8.94 30.72 -5.98
N SER A 359 -7.62 30.66 -5.81
CA SER A 359 -6.99 29.46 -5.24
C SER A 359 -7.44 29.24 -3.80
N ASP A 360 -7.52 30.32 -3.01
CA ASP A 360 -7.98 30.19 -1.64
C ASP A 360 -9.42 29.69 -1.58
N ARG A 361 -10.29 30.22 -2.45
CA ARG A 361 -11.67 29.77 -2.48
C ARG A 361 -11.76 28.31 -2.89
N VAL A 362 -10.97 27.89 -3.89
CA VAL A 362 -10.99 26.50 -4.31
C VAL A 362 -10.53 25.59 -3.18
N LYS A 363 -9.46 25.97 -2.49
CA LYS A 363 -8.98 25.16 -1.36
C LYS A 363 -10.02 25.08 -0.26
N ILE A 364 -10.66 26.20 0.07
CA ILE A 364 -11.69 26.20 1.11
C ILE A 364 -12.84 25.30 0.72
N LYS A 365 -13.30 25.39 -0.53
CA LYS A 365 -14.40 24.54 -0.98
C LYS A 365 -14.03 23.07 -0.96
N LYS A 366 -12.81 22.75 -1.40
CA LYS A 366 -12.36 21.36 -1.39
C LYS A 366 -12.30 20.81 0.03
N GLY A 367 -11.79 21.61 0.97
CA GLY A 367 -11.73 21.16 2.35
C GLY A 367 -13.09 21.02 3.00
N LEU A 368 -14.00 21.95 2.71
CA LEU A 368 -15.29 22.03 3.38
C LEU A 368 -16.37 21.19 2.72
N ARG A 369 -16.11 20.65 1.52
CA ARG A 369 -17.12 19.85 0.81
C ARG A 369 -17.42 18.59 1.63
N GLY A 370 -18.60 18.56 2.25
CA GLY A 370 -19.01 17.42 3.04
C GLY A 370 -18.77 17.59 4.52
N VAL A 371 -19.12 18.75 5.07
CA VAL A 371 -18.95 19.06 6.48
C VAL A 371 -20.30 19.41 7.07
N LYS A 372 -20.65 18.75 8.17
CA LYS A 372 -21.89 19.04 8.88
C LYS A 372 -21.67 20.17 9.87
N VAL A 373 -22.54 21.18 9.83
CA VAL A 373 -22.45 22.33 10.70
C VAL A 373 -23.82 22.57 11.34
N GLU A 374 -23.82 23.11 12.55
CA GLU A 374 -25.04 23.39 13.29
C GLU A 374 -25.06 24.85 13.70
N VAL A 375 -26.25 25.44 13.68
CA VAL A 375 -26.42 26.86 13.99
C VAL A 375 -26.39 27.05 15.50
N THR A 376 -25.80 28.17 15.94
CA THR A 376 -25.68 28.48 17.36
C THR A 376 -26.31 29.81 17.74
N HIS A 377 -26.69 30.66 16.77
CA HIS A 377 -27.28 31.95 17.12
C HIS A 377 -28.63 31.78 17.81
N ARG A 378 -29.43 30.81 17.37
CA ARG A 378 -30.71 30.56 18.01
C ARG A 378 -30.52 29.95 19.39
N ALA A 379 -31.41 30.31 20.31
CA ALA A 379 -31.23 29.91 21.71
C ALA A 379 -31.39 28.41 21.88
N ASN A 380 -32.47 27.83 21.35
CA ASN A 380 -32.78 26.43 21.58
C ASN A 380 -33.23 25.75 20.29
N VAL A 381 -32.50 26.00 19.20
CA VAL A 381 -32.77 25.36 17.91
C VAL A 381 -31.49 24.62 17.53
N ARG A 382 -31.42 23.35 17.86
CA ARG A 382 -30.26 22.52 17.57
C ARG A 382 -30.44 21.77 16.25
N ARG A 383 -30.66 22.53 15.18
CA ARG A 383 -30.81 21.97 13.85
C ARG A 383 -29.45 21.90 13.16
N LYS A 384 -29.33 20.96 12.24
CA LYS A 384 -28.09 20.74 11.49
C LYS A 384 -28.33 21.00 10.01
N TYR A 385 -27.29 21.49 9.33
CA TYR A 385 -27.38 21.84 7.91
C TYR A 385 -26.10 21.35 7.23
N ARG A 386 -26.20 20.25 6.51
CA ARG A 386 -25.08 19.79 5.70
C ARG A 386 -24.75 20.82 4.62
N VAL A 387 -23.48 21.15 4.48
CA VAL A 387 -23.03 22.20 3.58
C VAL A 387 -22.14 21.58 2.51
N ALA A 388 -22.46 21.84 1.25
CA ALA A 388 -21.63 21.42 0.12
C ALA A 388 -21.34 22.53 -0.87
N GLY A 389 -22.14 23.60 -0.91
CA GLY A 389 -21.90 24.71 -1.80
C GLY A 389 -21.88 26.03 -1.03
N LEU A 390 -21.04 26.94 -1.50
CA LEU A 390 -20.87 28.25 -0.88
C LEU A 390 -21.23 29.35 -1.86
N THR A 391 -21.95 30.35 -1.38
CA THR A 391 -22.39 31.44 -2.24
C THR A 391 -21.19 32.24 -2.76
N THR A 392 -21.34 32.81 -3.95
CA THR A 392 -20.30 33.62 -4.58
C THR A 392 -20.47 35.10 -4.30
N GLN A 393 -21.44 35.48 -3.47
CA GLN A 393 -21.70 36.88 -3.15
C GLN A 393 -21.72 37.06 -1.64
N PRO A 394 -21.36 38.26 -1.16
CA PRO A 394 -21.39 38.52 0.27
C PRO A 394 -22.82 38.58 0.80
N THR A 395 -22.93 38.70 2.13
CA THR A 395 -24.25 38.73 2.76
C THR A 395 -25.03 39.96 2.34
N ARG A 396 -24.39 41.13 2.30
CA ARG A 396 -25.08 42.35 1.93
C ARG A 396 -25.46 42.38 0.45
N GLU A 397 -24.85 41.54 -0.38
CA GLU A 397 -25.17 41.50 -1.79
C GLU A 397 -25.91 40.22 -2.15
N GLN A 424 -22.53 42.45 10.89
CA GLN A 424 -21.48 41.53 11.31
C GLN A 424 -20.43 41.38 10.21
N HIS A 425 -19.84 40.19 10.11
CA HIS A 425 -18.82 39.91 9.11
C HIS A 425 -19.49 39.53 7.78
N THR A 426 -20.15 40.53 7.20
CA THR A 426 -20.86 40.35 5.94
C THR A 426 -19.95 40.48 4.71
N HIS A 427 -18.69 40.85 4.90
CA HIS A 427 -17.78 41.00 3.76
C HIS A 427 -17.54 39.67 3.07
N LEU A 428 -17.21 38.63 3.84
CA LEU A 428 -16.96 37.32 3.27
C LEU A 428 -18.28 36.64 2.92
N PRO A 429 -18.28 35.80 1.87
CA PRO A 429 -19.51 35.08 1.52
C PRO A 429 -19.95 34.14 2.63
N CYS A 430 -21.26 34.00 2.77
CA CYS A 430 -21.85 33.17 3.80
C CYS A 430 -22.22 31.80 3.23
N LEU A 431 -22.10 30.78 4.08
CA LEU A 431 -22.38 29.42 3.66
C LEU A 431 -23.86 29.23 3.37
N GLN A 432 -24.17 28.46 2.33
CA GLN A 432 -25.54 28.17 1.93
C GLN A 432 -25.87 26.71 2.24
N VAL A 433 -27.05 26.50 2.80
CA VAL A 433 -27.50 25.16 3.16
C VAL A 433 -27.78 24.33 1.91
N SER A 440 -31.46 29.55 3.69
CA SER A 440 -31.00 30.77 3.04
C SER A 440 -29.47 30.85 3.04
N TYR A 441 -28.95 31.95 3.55
CA TYR A 441 -27.50 32.18 3.64
C TYR A 441 -27.12 32.16 5.11
N LEU A 442 -26.58 31.04 5.57
CA LEU A 442 -26.20 30.92 6.97
C LEU A 442 -24.94 31.73 7.23
N PRO A 443 -24.95 32.65 8.20
CA PRO A 443 -23.73 33.36 8.55
C PRO A 443 -22.66 32.42 9.05
N MET A 444 -21.42 32.70 8.67
CA MET A 444 -20.28 31.87 9.07
C MET A 444 -19.66 32.31 10.39
N GLU A 445 -20.20 33.36 11.02
CA GLU A 445 -19.66 33.84 12.28
C GLU A 445 -20.38 33.29 13.50
N ALA A 446 -21.44 32.51 13.32
CA ALA A 446 -22.24 31.97 14.42
C ALA A 446 -22.60 30.51 14.17
N CYS A 447 -21.62 29.74 13.72
CA CYS A 447 -21.81 28.32 13.44
C CYS A 447 -20.65 27.52 14.01
N LYS A 448 -20.92 26.25 14.32
CA LYS A 448 -19.94 25.37 14.94
C LYS A 448 -19.91 24.04 14.19
N ILE A 449 -18.70 23.52 13.96
CA ILE A 449 -18.54 22.26 13.26
C ILE A 449 -18.95 21.11 14.18
N VAL A 450 -19.78 20.21 13.66
CA VAL A 450 -20.25 19.08 14.44
C VAL A 450 -19.12 18.09 14.68
N GLU A 451 -19.02 17.60 15.91
CA GLU A 451 -18.00 16.64 16.30
C GLU A 451 -18.23 15.29 15.62
N GLY A 452 -17.13 14.63 15.29
CA GLY A 452 -17.17 13.29 14.73
C GLY A 452 -16.98 13.20 13.23
N GLN A 453 -16.85 14.33 12.54
CA GLN A 453 -16.65 14.29 11.10
C GLN A 453 -15.27 13.74 10.76
N ARG A 454 -15.18 13.08 9.60
CA ARG A 454 -13.95 12.47 9.13
C ARG A 454 -13.44 13.20 7.90
N TYR A 455 -12.13 13.37 7.81
CA TYR A 455 -11.53 14.05 6.68
C TYR A 455 -11.36 13.09 5.51
N THR A 456 -11.85 13.49 4.34
CA THR A 456 -11.74 12.68 3.14
C THR A 456 -10.42 12.96 2.41
N LYS A 457 -10.28 12.40 1.21
CA LYS A 457 -9.09 12.58 0.39
C LYS A 457 -7.82 12.16 1.13
N ARG A 458 -6.72 12.86 0.90
CA ARG A 458 -5.43 12.50 1.47
C ARG A 458 -4.81 13.69 2.17
N LEU A 459 -3.92 13.40 3.11
CA LEU A 459 -3.29 14.43 3.92
C LEU A 459 -2.18 15.11 3.12
N ASN A 460 -1.68 16.24 3.62
CA ASN A 460 -0.58 16.91 2.95
C ASN A 460 0.75 16.48 3.56
N GLU A 461 1.84 16.93 2.93
CA GLU A 461 3.17 16.50 3.32
C GLU A 461 3.58 17.00 4.70
N LYS A 462 2.91 18.03 5.21
CA LYS A 462 3.24 18.57 6.53
C LYS A 462 2.44 17.91 7.65
N GLN A 463 1.17 17.60 7.41
CA GLN A 463 0.34 16.95 8.42
C GLN A 463 0.38 15.43 8.33
N ILE A 464 1.08 14.86 7.34
CA ILE A 464 1.31 13.41 7.37
C ILE A 464 2.39 13.06 8.38
N THR A 465 3.47 13.85 8.43
CA THR A 465 4.54 13.57 9.39
C THR A 465 4.10 13.87 10.82
N ALA A 466 3.21 14.85 11.00
CA ALA A 466 2.69 15.12 12.34
C ALA A 466 1.91 13.93 12.88
N LEU A 467 1.17 13.25 12.01
CA LEU A 467 0.53 12.00 12.41
C LEU A 467 1.56 10.89 12.57
N LEU A 468 2.60 10.89 11.75
CA LEU A 468 3.63 9.87 11.85
C LEU A 468 4.34 9.89 13.20
N LYS A 469 4.60 11.08 13.74
CA LYS A 469 5.18 11.13 15.09
C LYS A 469 4.22 10.60 16.15
N VAL A 470 2.94 10.44 15.83
CA VAL A 470 1.96 9.92 16.78
C VAL A 470 1.80 8.40 16.63
N THR A 471 1.62 7.93 15.39
CA THR A 471 1.36 6.51 15.16
C THR A 471 2.63 5.66 15.20
N CYS A 472 3.81 6.27 15.13
CA CYS A 472 5.07 5.55 15.12
C CYS A 472 5.60 5.49 16.55
N GLN A 473 5.43 4.34 17.19
CA GLN A 473 5.91 4.11 18.54
C GLN A 473 6.71 2.81 18.58
N ARG A 474 7.43 2.61 19.68
CA ARG A 474 8.33 1.49 19.81
C ARG A 474 7.55 0.17 19.79
N PRO A 475 8.20 -0.93 19.39
CA PRO A 475 7.51 -2.23 19.42
C PRO A 475 6.99 -2.61 20.80
N ARG A 476 7.78 -2.35 21.85
CA ARG A 476 7.32 -2.65 23.20
C ARG A 476 6.11 -1.80 23.57
N ASP A 477 6.15 -0.51 23.22
CA ASP A 477 5.03 0.37 23.51
C ASP A 477 3.77 -0.07 22.77
N ARG A 478 3.90 -0.45 21.51
CA ARG A 478 2.74 -0.91 20.75
C ARG A 478 2.19 -2.21 21.30
N GLU A 479 3.07 -3.14 21.71
CA GLU A 479 2.62 -4.38 22.31
C GLU A 479 1.85 -4.11 23.60
N ASN A 480 2.39 -3.23 24.45
CA ASN A 480 1.70 -2.89 25.69
C ASN A 480 0.37 -2.20 25.42
N ASP A 481 0.32 -1.33 24.40
CA ASP A 481 -0.93 -0.66 24.05
C ASP A 481 -1.98 -1.65 23.57
N ILE A 482 -1.58 -2.62 22.76
CA ILE A 482 -2.52 -3.64 22.30
C ILE A 482 -3.03 -4.46 23.47
N LEU A 483 -2.13 -4.86 24.36
CA LEU A 483 -2.54 -5.65 25.53
C LEU A 483 -3.51 -4.86 26.41
N ARG A 484 -3.23 -3.57 26.60
CA ARG A 484 -4.14 -2.72 27.38
C ARG A 484 -5.49 -2.57 26.70
N THR A 485 -5.49 -2.42 25.37
CA THR A 485 -6.75 -2.24 24.65
C THR A 485 -7.61 -3.49 24.73
N VAL A 486 -7.01 -4.67 24.61
CA VAL A 486 -7.79 -5.90 24.68
C VAL A 486 -8.41 -6.07 26.05
N GLN A 487 -7.65 -5.81 27.11
CA GLN A 487 -8.21 -5.89 28.46
C GLN A 487 -9.20 -4.76 28.75
N HIS A 488 -9.16 -3.67 27.99
CA HIS A 488 -10.10 -2.57 28.21
C HIS A 488 -11.48 -2.90 27.67
N ASN A 489 -11.56 -3.65 26.58
CA ASN A 489 -12.87 -3.99 26.01
C ASN A 489 -13.66 -4.91 26.92
N ALA A 490 -12.98 -5.84 27.60
CA ALA A 490 -13.62 -6.79 28.52
C ALA A 490 -14.69 -7.61 27.81
N TYR A 491 -14.23 -8.42 26.85
CA TYR A 491 -15.13 -9.28 26.09
C TYR A 491 -15.80 -10.35 26.93
N ASP A 492 -15.31 -10.59 28.15
CA ASP A 492 -15.91 -11.56 29.05
C ASP A 492 -17.02 -10.98 29.90
N GLN A 493 -17.36 -9.70 29.71
CA GLN A 493 -18.36 -9.04 30.54
C GLN A 493 -19.54 -8.53 29.73
N ASP A 494 -19.35 -8.31 28.43
CA ASP A 494 -20.41 -7.72 27.63
C ASP A 494 -21.54 -8.71 27.37
N PRO A 495 -22.80 -8.26 27.42
CA PRO A 495 -23.93 -9.18 27.27
C PRO A 495 -23.97 -9.90 25.94
N TYR A 496 -23.54 -9.24 24.86
CA TYR A 496 -23.60 -9.88 23.54
C TYR A 496 -22.78 -11.16 23.49
N ALA A 497 -21.51 -11.08 23.90
CA ALA A 497 -20.67 -12.27 23.91
C ALA A 497 -21.00 -13.21 25.05
N LYS A 498 -21.52 -12.71 26.18
CA LYS A 498 -21.95 -13.63 27.23
C LYS A 498 -23.11 -14.50 26.78
N GLU A 499 -24.09 -13.91 26.08
CA GLU A 499 -25.24 -14.67 25.61
C GLU A 499 -24.90 -15.52 24.39
N PHE A 500 -24.08 -14.99 23.48
CA PHE A 500 -23.75 -15.71 22.26
C PHE A 500 -22.75 -16.83 22.47
N GLY A 501 -22.15 -16.93 23.65
CA GLY A 501 -21.18 -17.97 23.93
C GLY A 501 -19.76 -17.65 23.54
N MET A 502 -19.49 -16.43 23.08
CA MET A 502 -18.12 -16.06 22.70
C MET A 502 -17.21 -16.04 23.91
N ASN A 503 -15.95 -16.41 23.70
CA ASN A 503 -14.95 -16.40 24.76
C ASN A 503 -13.62 -16.00 24.13
N ILE A 504 -13.20 -14.76 24.36
CA ILE A 504 -11.99 -14.20 23.76
C ILE A 504 -10.87 -14.23 24.78
N SER A 505 -9.70 -14.73 24.37
CA SER A 505 -8.54 -14.70 25.24
C SER A 505 -7.96 -13.29 25.31
N GLU A 506 -7.08 -13.08 26.28
CA GLU A 506 -6.47 -11.78 26.51
C GLU A 506 -4.96 -11.90 26.61
N LYS A 507 -4.37 -12.76 25.79
CA LYS A 507 -2.92 -12.94 25.74
C LYS A 507 -2.47 -13.01 24.30
N LEU A 508 -1.28 -12.49 24.05
CA LEU A 508 -0.69 -12.55 22.71
C LEU A 508 -0.18 -13.96 22.42
N ALA A 509 -0.41 -14.41 21.19
CA ALA A 509 0.03 -15.74 20.80
C ALA A 509 1.56 -15.82 20.80
N SER A 510 2.09 -16.92 21.34
CA SER A 510 3.53 -17.15 21.37
C SER A 510 3.90 -17.99 20.15
N VAL A 511 4.05 -17.30 19.02
CA VAL A 511 4.32 -17.95 17.75
C VAL A 511 5.80 -18.26 17.63
N GLU A 512 6.12 -19.49 17.24
CA GLU A 512 7.49 -19.86 16.95
C GLU A 512 7.86 -19.37 15.55
N ALA A 513 9.07 -18.86 15.41
CA ALA A 513 9.53 -18.30 14.14
C ALA A 513 10.85 -18.95 13.73
N ARG A 514 11.42 -18.48 12.64
CA ARG A 514 12.66 -19.02 12.09
C ARG A 514 13.40 -17.91 11.39
N ILE A 515 14.61 -17.60 11.85
CA ILE A 515 15.42 -16.53 11.27
C ILE A 515 16.22 -17.15 10.12
N LEU A 516 15.77 -16.88 8.89
CA LEU A 516 16.46 -17.41 7.73
C LEU A 516 17.80 -16.71 7.54
N PRO A 517 18.86 -17.45 7.23
CA PRO A 517 20.18 -16.83 7.09
C PRO A 517 20.26 -15.92 5.87
N ALA A 518 21.13 -14.91 5.98
CA ALA A 518 21.34 -13.99 4.87
C ALA A 518 22.18 -14.66 3.78
N PRO A 519 21.88 -14.39 2.51
CA PRO A 519 22.63 -15.01 1.43
C PRO A 519 23.98 -14.35 1.21
N TRP A 520 24.88 -15.10 0.58
CA TRP A 520 26.20 -14.59 0.24
C TRP A 520 26.10 -13.74 -1.03
N LEU A 521 26.69 -12.55 -0.98
CA LEU A 521 26.71 -11.63 -2.11
C LEU A 521 28.11 -11.60 -2.71
N LYS A 522 28.19 -11.71 -4.03
CA LYS A 522 29.46 -11.70 -4.75
C LYS A 522 29.64 -10.36 -5.43
N TYR A 523 30.81 -9.75 -5.25
CA TYR A 523 31.19 -8.52 -5.92
C TYR A 523 32.36 -8.79 -6.87
N HIS A 524 32.85 -7.73 -7.50
CA HIS A 524 33.86 -7.88 -8.53
C HIS A 524 35.17 -8.39 -7.94
N GLU A 525 35.90 -9.16 -8.76
CA GLU A 525 37.18 -9.70 -8.32
C GLU A 525 38.19 -8.61 -8.07
N ASN A 526 38.17 -7.55 -8.87
CA ASN A 526 39.11 -6.45 -8.73
C ASN A 526 38.76 -5.59 -7.52
N GLY A 527 38.90 -6.16 -6.33
CA GLY A 527 38.62 -5.44 -5.10
C GLY A 527 39.17 -6.17 -3.91
N LYS A 528 39.32 -5.44 -2.80
CA LYS A 528 39.84 -6.04 -1.58
C LYS A 528 38.89 -7.11 -1.05
N GLU A 529 37.59 -6.84 -1.10
CA GLU A 529 36.57 -7.77 -0.63
C GLU A 529 35.79 -8.28 -1.83
N LYS A 530 35.90 -9.58 -2.10
CA LYS A 530 35.22 -10.21 -3.22
C LYS A 530 33.90 -10.85 -2.82
N ASP A 531 33.50 -10.73 -1.55
CA ASP A 531 32.27 -11.33 -1.06
C ASP A 531 31.77 -10.53 0.12
N CYS A 532 30.51 -10.75 0.49
CA CYS A 532 29.90 -10.05 1.60
C CYS A 532 28.83 -10.93 2.23
N LEU A 533 28.75 -10.87 3.56
CA LEU A 533 27.70 -11.56 4.31
C LEU A 533 26.89 -10.54 5.09
N PRO A 534 25.68 -10.21 4.65
CA PRO A 534 24.88 -9.20 5.37
C PRO A 534 24.60 -9.60 6.81
N GLN A 535 25.15 -8.83 7.75
CA GLN A 535 25.05 -9.16 9.17
C GLN A 535 23.61 -9.11 9.68
N VAL A 536 22.99 -7.92 9.63
CA VAL A 536 21.68 -7.71 10.25
C VAL A 536 20.73 -7.24 9.16
N GLY A 537 20.93 -7.73 7.94
CA GLY A 537 20.09 -7.34 6.82
C GLY A 537 20.55 -6.10 6.10
N GLN A 538 21.72 -5.57 6.43
CA GLN A 538 22.29 -4.42 5.74
C GLN A 538 23.81 -4.58 5.71
N TRP A 539 24.42 -4.14 4.62
CA TRP A 539 25.87 -4.21 4.49
C TRP A 539 26.40 -2.90 3.92
N ASN A 540 27.68 -2.89 3.53
CA ASN A 540 28.32 -1.69 3.03
C ASN A 540 29.12 -2.03 1.77
N MET A 541 29.35 -1.01 0.96
CA MET A 541 30.09 -1.15 -0.29
C MET A 541 31.58 -0.89 -0.14
N MET A 542 32.06 -0.72 1.09
CA MET A 542 33.47 -0.46 1.30
C MET A 542 34.31 -1.65 0.88
N ASN A 543 35.42 -1.37 0.18
CA ASN A 543 36.36 -2.38 -0.32
C ASN A 543 35.70 -3.34 -1.31
N LYS A 544 34.63 -2.91 -1.97
CA LYS A 544 33.92 -3.74 -2.93
C LYS A 544 33.65 -2.94 -4.19
N LYS A 545 33.56 -3.65 -5.31
CA LYS A 545 33.27 -3.04 -6.61
C LYS A 545 32.13 -3.79 -7.28
N MET A 546 31.38 -3.06 -8.11
CA MET A 546 30.20 -3.63 -8.74
C MET A 546 30.57 -4.74 -9.72
N ILE A 547 29.64 -5.67 -9.92
CA ILE A 547 29.84 -6.75 -10.89
C ILE A 547 30.07 -6.18 -12.28
N ASN A 548 29.21 -5.23 -12.69
CA ASN A 548 29.23 -4.70 -14.05
C ASN A 548 29.29 -3.18 -14.00
N GLY A 549 30.43 -2.61 -14.35
CA GLY A 549 30.47 -1.21 -14.71
C GLY A 549 29.97 -1.00 -16.12
N MET A 550 29.62 0.25 -16.43
CA MET A 550 29.03 0.56 -17.72
C MET A 550 29.77 1.63 -18.50
N THR A 551 30.90 2.11 -18.01
CA THR A 551 31.82 3.02 -18.71
C THR A 551 31.06 4.07 -19.54
N VAL A 552 30.25 4.87 -18.84
CA VAL A 552 29.51 5.94 -19.51
C VAL A 552 30.49 6.92 -20.14
N SER A 553 30.26 7.25 -21.40
CA SER A 553 31.14 8.11 -22.16
C SER A 553 30.55 9.48 -22.47
N ARG A 554 29.29 9.53 -22.89
CA ARG A 554 28.61 10.78 -23.20
C ARG A 554 27.63 11.11 -22.07
N TRP A 555 27.72 12.33 -21.56
CA TRP A 555 26.79 12.80 -20.54
C TRP A 555 26.72 14.32 -20.61
N ALA A 556 25.66 14.87 -20.01
CA ALA A 556 25.44 16.31 -20.01
C ALA A 556 24.67 16.67 -18.74
N CYS A 557 24.67 17.96 -18.42
CA CYS A 557 24.04 18.45 -17.20
C CYS A 557 23.20 19.68 -17.50
N VAL A 558 22.05 19.77 -16.85
CA VAL A 558 21.18 20.95 -16.92
C VAL A 558 20.99 21.46 -15.49
N ASN A 559 21.19 22.75 -15.30
CA ASN A 559 21.12 23.38 -13.98
C ASN A 559 19.77 24.10 -13.88
N PHE A 560 18.74 23.36 -13.46
CA PHE A 560 17.42 23.95 -13.25
C PHE A 560 17.34 24.60 -11.88
N SER A 561 18.28 25.47 -11.56
CA SER A 561 18.28 26.15 -10.27
C SER A 561 19.09 27.43 -10.39
N ARG A 562 18.85 28.34 -9.44
CA ARG A 562 19.56 29.62 -9.40
C ARG A 562 20.56 29.71 -8.25
N SER A 563 20.34 28.96 -7.17
CA SER A 563 21.25 29.05 -6.02
C SER A 563 22.62 28.48 -6.36
N VAL A 564 22.67 27.35 -7.05
CA VAL A 564 23.94 26.70 -7.38
C VAL A 564 24.54 27.38 -8.59
N GLN A 565 25.85 27.60 -8.55
CA GLN A 565 26.57 28.22 -9.65
C GLN A 565 27.15 27.16 -10.58
N GLU A 566 27.71 27.63 -11.69
CA GLU A 566 28.31 26.72 -12.67
C GLU A 566 29.47 25.94 -12.06
N ASN A 567 30.33 26.62 -11.30
CA ASN A 567 31.48 25.94 -10.69
C ASN A 567 31.03 24.93 -9.65
N VAL A 568 30.01 25.26 -8.86
CA VAL A 568 29.50 24.33 -7.86
C VAL A 568 28.89 23.10 -8.52
N ALA A 569 28.12 23.32 -9.60
CA ALA A 569 27.54 22.18 -10.32
C ALA A 569 28.61 21.31 -10.93
N ARG A 570 29.65 21.92 -11.50
CA ARG A 570 30.75 21.15 -12.08
C ARG A 570 31.49 20.36 -10.99
N GLY A 571 31.69 20.97 -9.83
CA GLY A 571 32.33 20.26 -8.73
C GLY A 571 31.50 19.09 -8.24
N PHE A 572 30.18 19.27 -8.15
CA PHE A 572 29.30 18.16 -7.77
C PHE A 572 29.37 17.04 -8.80
N CYS A 573 29.37 17.38 -10.09
CA CYS A 573 29.48 16.36 -11.12
C CYS A 573 30.81 15.62 -11.02
N ASN A 574 31.90 16.35 -10.77
CA ASN A 574 33.21 15.72 -10.62
C ASN A 574 33.24 14.79 -9.42
N GLU A 575 32.66 15.22 -8.30
CA GLU A 575 32.62 14.37 -7.11
C GLU A 575 31.79 13.11 -7.34
N LEU A 576 30.64 13.25 -8.01
CA LEU A 576 29.82 12.08 -8.33
C LEU A 576 30.56 11.13 -9.24
N GLY A 577 31.28 11.67 -10.22
CA GLY A 577 32.05 10.81 -11.11
C GLY A 577 33.18 10.09 -10.41
N GLN A 578 33.88 10.77 -9.51
CA GLN A 578 34.94 10.13 -8.74
C GLN A 578 34.38 9.03 -7.85
N MET A 579 33.22 9.29 -7.24
CA MET A 579 32.58 8.26 -6.42
C MET A 579 32.17 7.06 -7.27
N CYS A 580 31.65 7.30 -8.47
CA CYS A 580 31.31 6.20 -9.37
C CYS A 580 32.55 5.40 -9.74
N GLU A 581 33.65 6.08 -10.06
CA GLU A 581 34.88 5.40 -10.45
C GLU A 581 35.44 4.57 -9.31
N VAL A 582 35.40 5.09 -8.08
CA VAL A 582 35.92 4.32 -6.96
C VAL A 582 34.96 3.22 -6.54
N SER A 583 33.67 3.35 -6.84
CA SER A 583 32.71 2.29 -6.55
C SER A 583 32.69 1.22 -7.63
N GLY A 584 33.26 1.48 -8.80
CA GLY A 584 33.39 0.44 -9.80
C GLY A 584 32.94 0.82 -11.20
N MET A 585 32.72 2.11 -11.44
CA MET A 585 32.30 2.60 -12.75
C MET A 585 33.49 3.21 -13.47
N GLU A 586 33.22 3.72 -14.67
CA GLU A 586 34.23 4.38 -15.51
C GLU A 586 33.69 5.69 -16.05
N PHE A 587 33.13 6.50 -15.15
CA PHE A 587 32.48 7.75 -15.53
C PHE A 587 33.48 8.65 -16.27
N ASN A 588 33.00 9.29 -17.34
CA ASN A 588 33.86 10.15 -18.14
C ASN A 588 34.20 11.43 -17.38
N PRO A 589 35.47 11.83 -17.34
CA PRO A 589 35.83 13.04 -16.56
C PRO A 589 35.18 14.31 -17.04
N GLU A 590 34.91 14.46 -18.34
CA GLU A 590 34.38 15.71 -18.87
C GLU A 590 33.11 15.46 -19.66
N PRO A 591 32.16 16.39 -19.62
CA PRO A 591 30.90 16.21 -20.33
C PRO A 591 31.03 16.56 -21.81
N VAL A 592 30.00 16.16 -22.56
CA VAL A 592 29.98 16.45 -24.00
C VAL A 592 29.90 17.94 -24.25
N ILE A 593 29.03 18.62 -23.52
CA ILE A 593 28.83 20.07 -23.69
C ILE A 593 29.00 20.74 -22.33
N PRO A 594 29.45 21.99 -22.28
CA PRO A 594 29.56 22.67 -20.99
C PRO A 594 28.21 22.85 -20.32
N ILE A 595 28.21 22.74 -19.00
CA ILE A 595 26.97 22.83 -18.23
C ILE A 595 26.46 24.27 -18.27
N TYR A 596 25.16 24.43 -18.49
CA TYR A 596 24.53 25.74 -18.54
C TYR A 596 23.24 25.71 -17.74
N SER A 597 22.90 26.85 -17.14
CA SER A 597 21.74 26.95 -16.26
C SER A 597 20.54 27.49 -17.04
N ALA A 598 19.42 26.80 -16.93
CA ALA A 598 18.15 27.22 -17.51
C ALA A 598 17.18 27.58 -16.38
N ARG A 599 15.94 27.91 -16.77
CA ARG A 599 14.93 28.20 -15.77
C ARG A 599 13.85 27.12 -15.78
N PRO A 600 13.22 26.84 -14.63
CA PRO A 600 12.36 25.65 -14.52
C PRO A 600 11.08 25.72 -15.36
N ASP A 601 10.83 26.78 -16.12
CA ASP A 601 9.63 26.84 -16.93
C ASP A 601 9.83 26.41 -18.37
N GLN A 602 11.00 26.67 -18.95
CA GLN A 602 11.33 26.24 -20.31
C GLN A 602 12.03 24.88 -20.31
N VAL A 603 11.43 23.92 -19.60
CA VAL A 603 12.01 22.58 -19.51
C VAL A 603 12.03 21.93 -20.88
N GLU A 604 10.96 22.07 -21.65
CA GLU A 604 10.91 21.46 -22.98
C GLU A 604 12.00 22.02 -23.88
N LYS A 605 12.10 23.35 -23.96
CA LYS A 605 13.09 23.97 -24.83
C LYS A 605 14.51 23.60 -24.40
N ALA A 606 14.76 23.61 -23.09
CA ALA A 606 16.09 23.23 -22.61
C ALA A 606 16.42 21.79 -22.97
N LEU A 607 15.46 20.88 -22.82
CA LEU A 607 15.71 19.48 -23.13
C LEU A 607 15.99 19.28 -24.62
N LYS A 608 15.17 19.87 -25.49
CA LYS A 608 15.44 19.73 -26.92
C LYS A 608 16.77 20.36 -27.31
N HIS A 609 17.10 21.51 -26.72
CA HIS A 609 18.38 22.15 -27.03
C HIS A 609 19.54 21.25 -26.63
N VAL A 610 19.49 20.68 -25.42
CA VAL A 610 20.58 19.83 -24.95
C VAL A 610 20.71 18.59 -25.82
N TYR A 611 19.57 17.94 -26.10
CA TYR A 611 19.61 16.71 -26.90
C TYR A 611 20.12 16.97 -28.31
N HIS A 612 19.66 18.06 -28.94
CA HIS A 612 20.08 18.35 -30.30
C HIS A 612 21.55 18.75 -30.35
N THR A 613 22.03 19.53 -29.37
CA THR A 613 23.44 19.89 -29.34
C THR A 613 24.31 18.64 -29.14
N SER A 614 23.90 17.75 -28.24
CA SER A 614 24.68 16.54 -28.00
C SER A 614 24.70 15.65 -29.23
N MET A 615 23.56 15.53 -29.93
CA MET A 615 23.53 14.72 -31.15
C MET A 615 24.34 15.36 -32.27
N ASN A 616 24.35 16.70 -32.35
CA ASN A 616 25.19 17.38 -33.33
C ASN A 616 26.66 17.12 -33.05
N LYS A 617 27.05 17.16 -31.79
CA LYS A 617 28.40 16.75 -31.41
C LYS A 617 28.48 15.22 -31.38
N THR A 618 29.68 14.71 -31.09
CA THR A 618 29.94 13.27 -30.97
C THR A 618 29.54 12.50 -32.23
N LYS A 619 29.44 13.18 -33.37
CA LYS A 619 29.17 12.56 -34.68
C LYS A 619 27.87 11.75 -34.65
N GLY A 620 26.80 12.39 -34.20
CA GLY A 620 25.49 11.76 -34.22
C GLY A 620 25.34 10.57 -33.29
N LYS A 621 25.86 10.66 -32.07
CA LYS A 621 25.73 9.60 -31.07
C LYS A 621 24.91 10.13 -29.90
N GLU A 622 23.89 9.37 -29.51
CA GLU A 622 22.98 9.81 -28.47
C GLU A 622 23.67 9.82 -27.11
N LEU A 623 23.10 10.62 -26.20
CA LEU A 623 23.63 10.71 -24.84
C LEU A 623 23.38 9.43 -24.07
N GLU A 624 24.10 9.27 -22.97
CA GLU A 624 23.93 8.12 -22.09
C GLU A 624 23.41 8.49 -20.71
N LEU A 625 23.50 9.75 -20.30
CA LEU A 625 23.02 10.18 -19.00
C LEU A 625 22.77 11.68 -19.06
N LEU A 626 22.00 12.17 -18.08
CA LEU A 626 21.68 13.59 -17.99
C LEU A 626 21.49 13.94 -16.51
N LEU A 627 22.52 14.51 -15.90
CA LEU A 627 22.45 14.92 -14.51
C LEU A 627 21.70 16.24 -14.41
N ALA A 628 20.56 16.25 -13.73
CA ALA A 628 19.72 17.42 -13.59
C ALA A 628 19.68 17.84 -12.13
N ILE A 629 20.01 19.09 -11.86
CA ILE A 629 19.92 19.66 -10.51
C ILE A 629 18.67 20.54 -10.51
N LEU A 630 17.56 19.95 -10.09
CA LEU A 630 16.30 20.66 -9.97
C LEU A 630 16.11 21.18 -8.55
N PRO A 631 15.29 22.22 -8.36
CA PRO A 631 15.20 22.86 -7.04
C PRO A 631 14.57 21.93 -6.01
N ASP A 632 14.62 22.38 -4.75
CA ASP A 632 14.10 21.58 -3.66
C ASP A 632 12.60 21.32 -3.83
N ASN A 633 11.79 22.37 -3.77
CA ASN A 633 10.36 22.26 -4.05
C ASN A 633 10.10 22.77 -5.46
N ASN A 634 10.46 21.93 -6.43
CA ASN A 634 10.31 22.30 -7.84
C ASN A 634 8.84 22.51 -8.20
N GLY A 635 8.06 21.44 -8.17
CA GLY A 635 6.64 21.53 -8.47
C GLY A 635 6.37 21.43 -9.96
N SER A 636 5.62 20.41 -10.37
CA SER A 636 5.25 20.22 -11.77
C SER A 636 6.45 20.23 -12.71
N LEU A 637 7.64 19.98 -12.17
CA LEU A 637 8.88 20.02 -12.95
C LEU A 637 9.49 18.63 -13.13
N TYR A 638 9.58 17.85 -12.05
CA TYR A 638 10.11 16.50 -12.14
C TYR A 638 9.27 15.64 -13.07
N GLY A 639 7.94 15.72 -12.93
CA GLY A 639 7.07 14.93 -13.79
C GLY A 639 7.20 15.31 -15.25
N ASP A 640 7.18 16.61 -15.54
CA ASP A 640 7.31 17.06 -16.92
C ASP A 640 8.67 16.66 -17.51
N LEU A 641 9.74 16.83 -16.73
CA LEU A 641 11.07 16.46 -17.18
C LEU A 641 11.14 14.98 -17.53
N LYS A 642 10.66 14.12 -16.62
CA LYS A 642 10.68 12.68 -16.89
C LYS A 642 9.80 12.32 -18.07
N ARG A 643 8.62 12.91 -18.18
CA ARG A 643 7.74 12.59 -19.29
C ARG A 643 8.38 12.95 -20.62
N ILE A 644 8.95 14.15 -20.73
CA ILE A 644 9.59 14.54 -21.98
C ILE A 644 10.76 13.62 -22.28
N CYS A 645 11.64 13.40 -21.29
CA CYS A 645 12.84 12.61 -21.52
C CYS A 645 12.54 11.16 -21.85
N GLU A 646 11.41 10.61 -21.41
CA GLU A 646 11.12 9.20 -21.61
C GLU A 646 9.98 8.93 -22.58
N THR A 647 9.38 9.96 -23.18
CA THR A 647 8.36 9.74 -24.21
C THR A 647 8.54 10.58 -25.46
N GLU A 648 9.38 11.62 -25.43
CA GLU A 648 9.58 12.46 -26.61
C GLU A 648 11.04 12.59 -27.03
N LEU A 649 11.99 12.40 -26.13
CA LEU A 649 13.41 12.51 -26.44
C LEU A 649 14.13 11.17 -26.41
N GLY A 650 13.96 10.39 -25.34
CA GLY A 650 14.65 9.11 -25.22
C GLY A 650 15.96 9.24 -24.49
N LEU A 651 15.93 9.87 -23.32
CA LEU A 651 17.12 10.13 -22.51
C LEU A 651 17.02 9.36 -21.20
N ILE A 652 18.11 9.40 -20.45
CA ILE A 652 18.17 8.85 -19.10
C ILE A 652 18.68 9.95 -18.18
N SER A 653 17.89 10.27 -17.15
CA SER A 653 18.18 11.41 -16.30
C SER A 653 18.44 10.96 -14.87
N GLN A 654 19.13 11.81 -14.11
CA GLN A 654 19.52 11.55 -12.72
C GLN A 654 19.19 12.77 -11.86
N CYS A 655 17.95 13.22 -11.93
CA CYS A 655 17.51 14.39 -11.20
C CYS A 655 17.90 14.31 -9.72
N CYS A 656 18.50 15.39 -9.23
CA CYS A 656 18.91 15.52 -7.83
C CYS A 656 18.27 16.78 -7.24
N LEU A 657 18.52 17.00 -5.95
CA LEU A 657 17.99 18.16 -5.24
C LEU A 657 19.13 19.11 -4.90
N THR A 658 18.78 20.39 -4.78
CA THR A 658 19.79 21.42 -4.55
C THR A 658 20.46 21.28 -3.19
N LYS A 659 19.72 20.82 -2.18
CA LYS A 659 20.30 20.72 -0.84
C LYS A 659 21.45 19.71 -0.81
N HIS A 660 21.28 18.57 -1.50
CA HIS A 660 22.35 17.58 -1.53
C HIS A 660 23.52 18.03 -2.40
N VAL A 661 23.25 18.83 -3.43
CA VAL A 661 24.33 19.41 -4.22
C VAL A 661 25.16 20.36 -3.36
N PHE A 662 24.50 21.17 -2.54
CA PHE A 662 25.22 22.06 -1.65
C PHE A 662 25.97 21.29 -0.56
N LYS A 663 25.36 20.24 -0.03
CA LYS A 663 25.93 19.44 1.06
C LYS A 663 26.27 18.07 0.50
N ILE A 664 27.50 17.91 0.02
CA ILE A 664 27.93 16.67 -0.60
C ILE A 664 28.34 15.68 0.48
N SER A 665 27.77 14.48 0.44
CA SER A 665 28.11 13.41 1.36
C SER A 665 28.43 12.14 0.58
N LYS A 666 29.43 11.40 1.05
CA LYS A 666 29.89 10.22 0.33
C LYS A 666 28.82 9.15 0.27
N GLN A 667 28.02 9.00 1.32
CA GLN A 667 26.95 8.01 1.28
C GLN A 667 25.91 8.37 0.23
N TYR A 668 25.54 9.65 0.15
CA TYR A 668 24.60 10.09 -0.89
C TYR A 668 25.18 9.86 -2.29
N LEU A 669 26.46 10.18 -2.47
CA LEU A 669 27.08 9.94 -3.77
C LEU A 669 27.11 8.47 -4.11
N ALA A 670 27.37 7.61 -3.12
CA ALA A 670 27.38 6.17 -3.37
C ALA A 670 26.00 5.66 -3.74
N ASN A 671 24.96 6.16 -3.08
CA ASN A 671 23.60 5.74 -3.44
C ASN A 671 23.24 6.20 -4.85
N VAL A 672 23.61 7.43 -5.21
CA VAL A 672 23.34 7.91 -6.56
C VAL A 672 24.11 7.09 -7.59
N SER A 673 25.35 6.70 -7.26
CA SER A 673 26.12 5.84 -8.14
C SER A 673 25.46 4.48 -8.33
N LEU A 674 24.96 3.91 -7.23
CA LEU A 674 24.23 2.65 -7.32
C LEU A 674 23.01 2.78 -8.23
N LYS A 675 22.32 3.93 -8.14
CA LYS A 675 21.15 4.14 -9.00
C LYS A 675 21.54 4.25 -10.47
N ILE A 676 22.55 5.07 -10.77
CA ILE A 676 22.91 5.30 -12.18
C ILE A 676 23.67 4.14 -12.80
N ASN A 677 24.18 3.21 -11.99
CA ASN A 677 24.76 2.01 -12.60
C ASN A 677 23.68 1.16 -13.25
N VAL A 678 22.59 0.89 -12.52
CA VAL A 678 21.49 0.11 -13.09
C VAL A 678 20.63 0.93 -14.04
N LYS A 679 20.68 2.27 -13.94
CA LYS A 679 19.96 3.07 -14.93
C LYS A 679 20.67 3.12 -16.27
N MET A 680 21.76 2.37 -16.46
CA MET A 680 22.47 2.35 -17.73
C MET A 680 22.87 0.93 -18.12
N GLY A 681 22.09 -0.06 -17.70
CA GLY A 681 22.41 -1.44 -17.95
C GLY A 681 23.37 -2.00 -16.91
N GLY A 682 23.55 -3.31 -16.96
CA GLY A 682 24.43 -3.94 -15.99
C GLY A 682 23.80 -4.02 -14.61
N ARG A 683 24.66 -4.29 -13.64
CA ARG A 683 24.23 -4.52 -12.27
C ARG A 683 25.40 -4.24 -11.33
N ASN A 684 25.14 -4.38 -10.02
CA ASN A 684 26.15 -4.06 -9.03
C ASN A 684 26.31 -5.10 -7.93
N THR A 685 25.40 -6.08 -7.79
CA THR A 685 25.60 -7.15 -6.83
C THR A 685 24.78 -8.35 -7.27
N VAL A 686 25.31 -9.55 -6.99
CA VAL A 686 24.68 -10.81 -7.35
C VAL A 686 24.85 -11.80 -6.20
N LEU A 687 23.81 -12.57 -5.93
CA LEU A 687 23.92 -13.68 -4.99
C LEU A 687 24.91 -14.71 -5.51
N VAL A 688 25.74 -15.24 -4.61
CA VAL A 688 26.69 -16.27 -5.00
C VAL A 688 25.97 -17.54 -5.44
N ASP A 689 24.80 -17.81 -4.85
CA ASP A 689 24.01 -18.96 -5.26
C ASP A 689 23.55 -18.82 -6.71
N ALA A 690 23.13 -17.60 -7.11
CA ALA A 690 22.71 -17.37 -8.48
C ALA A 690 23.88 -17.54 -9.45
N ILE A 691 25.05 -17.02 -9.10
CA ILE A 691 26.22 -17.16 -9.96
C ILE A 691 26.60 -18.63 -10.12
N SER A 692 26.61 -19.37 -9.01
CA SER A 692 27.00 -20.77 -9.00
C SER A 692 25.91 -21.70 -9.54
N CYS A 693 24.80 -21.16 -10.04
CA CYS A 693 23.71 -21.95 -10.59
C CYS A 693 23.21 -22.97 -9.57
N ARG A 694 23.01 -22.50 -8.34
CA ARG A 694 22.72 -23.37 -7.21
C ARG A 694 21.41 -23.07 -6.49
N ILE A 695 20.57 -22.18 -7.02
CA ILE A 695 19.33 -21.80 -6.35
C ILE A 695 18.28 -22.88 -6.54
N PRO A 696 17.71 -23.41 -5.45
CA PRO A 696 16.66 -24.43 -5.55
C PRO A 696 15.57 -24.11 -6.56
N LEU A 697 15.38 -25.00 -7.54
CA LEU A 697 14.24 -24.98 -8.46
C LEU A 697 14.16 -23.67 -9.24
N VAL A 698 15.26 -22.93 -9.36
CA VAL A 698 15.27 -21.72 -10.16
C VAL A 698 16.35 -21.82 -11.22
N SER A 699 17.62 -21.91 -10.78
CA SER A 699 18.74 -21.86 -11.70
C SER A 699 18.86 -23.09 -12.59
N ASP A 700 18.09 -24.15 -12.32
CA ASP A 700 18.22 -25.37 -13.09
C ASP A 700 17.82 -25.18 -14.55
N ILE A 701 16.71 -24.47 -14.79
CA ILE A 701 16.28 -24.14 -16.14
C ILE A 701 15.84 -22.67 -16.19
N PRO A 702 15.96 -22.00 -17.33
CA PRO A 702 15.66 -20.55 -17.37
C PRO A 702 14.24 -20.24 -16.94
N THR A 703 14.11 -19.25 -16.07
CA THR A 703 12.84 -18.79 -15.54
C THR A 703 12.73 -17.28 -15.66
N ILE A 704 11.53 -16.79 -15.93
CA ILE A 704 11.25 -15.36 -15.96
C ILE A 704 10.39 -15.02 -14.75
N ILE A 705 10.84 -14.07 -13.95
CA ILE A 705 10.16 -13.68 -12.72
C ILE A 705 9.42 -12.38 -13.00
N PHE A 706 8.09 -12.44 -12.93
CA PHE A 706 7.25 -11.29 -13.24
C PHE A 706 6.91 -10.53 -11.96
N GLY A 707 6.20 -9.42 -12.15
CA GLY A 707 5.71 -8.62 -11.05
C GLY A 707 4.71 -7.58 -11.54
N ALA A 708 3.55 -7.50 -10.90
CA ALA A 708 2.49 -6.60 -11.33
C ALA A 708 2.00 -5.78 -10.15
N ASP A 709 1.41 -4.64 -10.47
CA ASP A 709 0.86 -3.74 -9.46
C ASP A 709 -0.07 -2.75 -10.15
N VAL A 710 -1.22 -2.50 -9.52
CA VAL A 710 -2.20 -1.54 -10.02
C VAL A 710 -2.32 -0.42 -8.99
N THR A 711 -2.09 0.81 -9.43
CA THR A 711 -2.10 1.98 -8.56
C THR A 711 -3.33 2.80 -8.87
N HIS A 712 -4.32 2.74 -7.98
CA HIS A 712 -5.54 3.51 -8.11
C HIS A 712 -5.32 4.95 -7.65
N PRO A 713 -6.07 5.90 -8.19
CA PRO A 713 -5.87 7.31 -7.81
C PRO A 713 -6.42 7.61 -6.43
N GLU A 714 -6.36 8.89 -6.08
CA GLU A 714 -6.70 9.35 -4.74
C GLU A 714 -8.20 9.40 -4.50
N ASN A 715 -8.71 8.34 -3.87
CA ASN A 715 -10.16 8.29 -3.52
C ASN A 715 -10.99 8.66 -4.74
N GLY A 716 -11.76 9.75 -4.61
CA GLY A 716 -12.63 10.16 -5.70
C GLY A 716 -11.90 10.95 -6.76
N GLU A 717 -11.42 10.25 -7.78
CA GLU A 717 -10.63 10.90 -8.86
C GLU A 717 -10.98 10.25 -10.19
N GLU A 718 -12.28 10.23 -10.54
CA GLU A 718 -12.72 9.59 -11.81
C GLU A 718 -11.86 10.11 -12.96
N SER A 719 -11.78 11.43 -13.13
CA SER A 719 -10.98 12.04 -14.22
C SER A 719 -9.72 11.20 -14.49
N SER A 720 -8.78 11.22 -13.56
CA SER A 720 -7.51 10.45 -13.72
C SER A 720 -7.83 8.96 -13.79
N PRO A 721 -7.23 8.18 -14.71
CA PRO A 721 -7.43 6.73 -14.75
C PRO A 721 -6.46 6.00 -13.83
N SER A 722 -6.68 4.70 -13.70
CA SER A 722 -5.82 3.85 -12.89
C SER A 722 -4.71 3.26 -13.76
N ILE A 723 -3.53 3.13 -13.16
CA ILE A 723 -2.32 2.74 -13.88
C ILE A 723 -1.91 1.35 -13.42
N ALA A 724 -1.57 0.48 -14.37
CA ALA A 724 -1.07 -0.85 -14.09
C ALA A 724 0.29 -1.04 -14.75
N ALA A 725 1.22 -1.65 -14.03
CA ALA A 725 2.58 -1.87 -14.51
C ALA A 725 2.96 -3.34 -14.30
N VAL A 726 3.72 -3.88 -15.24
CA VAL A 726 4.20 -5.26 -15.17
C VAL A 726 5.67 -5.28 -15.55
N VAL A 727 6.51 -5.82 -14.67
CA VAL A 727 7.94 -5.96 -14.93
C VAL A 727 8.27 -7.44 -15.07
N ALA A 728 9.49 -7.71 -15.49
CA ALA A 728 9.95 -9.09 -15.70
C ALA A 728 11.46 -9.11 -15.79
N SER A 729 12.08 -10.12 -15.17
CA SER A 729 13.52 -10.27 -15.24
C SER A 729 13.95 -10.55 -16.67
N GLN A 730 15.13 -10.05 -17.05
CA GLN A 730 15.60 -10.14 -18.42
C GLN A 730 16.91 -10.89 -18.61
N ASP A 731 17.76 -10.97 -17.60
CA ASP A 731 19.05 -11.65 -17.71
C ASP A 731 19.02 -12.92 -16.87
N TRP A 732 19.28 -14.06 -17.50
CA TRP A 732 19.20 -15.35 -16.81
C TRP A 732 20.25 -15.70 -15.77
N PRO A 733 21.52 -15.90 -16.12
CA PRO A 733 22.41 -16.63 -15.19
C PRO A 733 22.64 -15.90 -13.86
N GLU A 734 22.34 -14.61 -13.76
CA GLU A 734 22.45 -13.86 -12.52
C GLU A 734 21.26 -12.92 -12.33
N VAL A 735 20.04 -13.45 -12.37
CA VAL A 735 18.83 -12.64 -12.54
C VAL A 735 18.78 -11.46 -11.57
N THR A 736 18.93 -10.25 -12.12
CA THR A 736 18.74 -9.00 -11.40
C THR A 736 18.05 -7.91 -12.20
N LYS A 737 17.94 -8.03 -13.53
CA LYS A 737 17.55 -6.93 -14.40
C LYS A 737 16.10 -7.10 -14.82
N TYR A 738 15.27 -6.12 -14.46
CA TYR A 738 13.84 -6.15 -14.72
C TYR A 738 13.45 -5.02 -15.67
N ALA A 739 12.68 -5.35 -16.70
CA ALA A 739 12.14 -4.38 -17.64
C ALA A 739 10.63 -4.38 -17.55
N GLY A 740 10.03 -3.19 -17.48
CA GLY A 740 8.61 -3.08 -17.22
C GLY A 740 7.90 -2.18 -18.22
N LEU A 741 6.60 -2.43 -18.36
CA LEU A 741 5.72 -1.65 -19.22
C LEU A 741 4.54 -1.14 -18.40
N VAL A 742 3.92 -0.05 -18.88
CA VAL A 742 2.85 0.62 -18.15
C VAL A 742 1.70 0.90 -19.10
N CYS A 743 0.52 1.10 -18.52
CA CYS A 743 -0.68 1.42 -19.29
C CYS A 743 -1.58 2.31 -18.44
N ALA A 744 -2.79 2.56 -18.93
CA ALA A 744 -3.80 3.29 -18.18
C ALA A 744 -5.17 2.70 -18.53
N GLN A 745 -5.87 2.20 -17.52
CA GLN A 745 -7.15 1.54 -17.68
C GLN A 745 -8.23 2.33 -16.94
N ALA A 746 -9.43 1.76 -16.90
CA ALA A 746 -10.58 2.45 -16.34
C ALA A 746 -10.36 2.79 -14.86
N HIS A 747 -11.21 3.68 -14.36
CA HIS A 747 -11.06 4.18 -12.99
C HIS A 747 -11.40 3.08 -11.98
N ARG A 748 -10.53 2.94 -10.98
CA ARG A 748 -10.74 2.00 -9.87
C ARG A 748 -10.95 0.57 -10.37
N GLN A 749 -10.23 0.18 -11.41
CA GLN A 749 -10.30 -1.17 -11.93
C GLN A 749 -9.23 -2.02 -11.27
N GLU A 750 -9.64 -3.17 -10.73
CA GLU A 750 -8.72 -4.05 -10.00
C GLU A 750 -8.09 -5.11 -10.88
N LEU A 751 -8.40 -5.13 -12.17
CA LEU A 751 -7.77 -6.06 -13.11
C LEU A 751 -6.76 -5.31 -13.98
N ILE A 752 -6.13 -6.05 -14.89
CA ILE A 752 -5.21 -5.48 -15.85
C ILE A 752 -5.68 -5.93 -17.23
N GLN A 753 -6.46 -5.09 -17.90
CA GLN A 753 -7.01 -5.42 -19.21
C GLN A 753 -5.96 -5.44 -20.31
N ASP A 754 -4.75 -4.97 -20.04
CA ASP A 754 -3.71 -4.85 -21.06
C ASP A 754 -2.64 -5.94 -20.93
N LEU A 755 -2.94 -7.03 -20.24
CA LEU A 755 -2.04 -8.18 -20.26
C LEU A 755 -2.09 -8.94 -21.56
N TYR A 756 -3.14 -8.74 -22.35
CA TYR A 756 -3.29 -9.36 -23.66
C TYR A 756 -4.39 -8.64 -24.41
N LYS A 757 -4.11 -8.28 -25.68
CA LYS A 757 -5.07 -7.56 -26.49
C LYS A 757 -4.97 -8.04 -27.93
N THR A 758 -6.12 -8.34 -28.52
CA THR A 758 -6.19 -8.82 -29.91
C THR A 758 -7.15 -7.94 -30.70
N TRP A 759 -6.67 -7.39 -31.80
CA TRP A 759 -7.51 -6.61 -32.70
C TRP A 759 -7.33 -7.08 -34.14
N GLN A 760 -7.97 -6.40 -35.08
CA GLN A 760 -7.93 -6.79 -36.49
C GLN A 760 -6.98 -5.87 -37.24
N ASP A 761 -5.98 -6.46 -37.89
CA ASP A 761 -5.02 -5.71 -38.68
C ASP A 761 -4.42 -6.62 -39.76
N PRO A 762 -4.71 -6.35 -41.04
CA PRO A 762 -4.17 -7.17 -42.14
C PRO A 762 -2.69 -6.93 -42.38
N GLY A 765 -3.27 -11.11 -39.74
CA GLY A 765 -4.71 -10.89 -39.59
C GLY A 765 -5.10 -10.31 -38.25
N THR A 766 -4.77 -11.03 -37.18
CA THR A 766 -5.08 -10.61 -35.81
C THR A 766 -3.78 -10.55 -35.03
N VAL A 767 -3.15 -9.38 -35.04
CA VAL A 767 -1.89 -9.18 -34.31
C VAL A 767 -2.19 -9.07 -32.82
N SER A 768 -1.41 -9.77 -32.01
CA SER A 768 -1.60 -9.80 -30.57
C SER A 768 -0.77 -8.70 -29.90
N GLY A 769 -0.90 -8.62 -28.58
CA GLY A 769 -0.19 -7.61 -27.82
C GLY A 769 -0.11 -7.92 -26.34
N GLY A 770 -0.26 -6.90 -25.51
CA GLY A 770 -0.18 -7.06 -24.07
C GLY A 770 1.24 -6.89 -23.56
N MET A 771 1.37 -6.93 -22.23
CA MET A 771 2.67 -6.81 -21.61
C MET A 771 3.37 -8.15 -21.44
N ILE A 772 2.62 -9.22 -21.17
CA ILE A 772 3.23 -10.53 -20.99
C ILE A 772 3.97 -10.95 -22.25
N ARG A 773 3.30 -10.81 -23.40
CA ARG A 773 3.93 -11.20 -24.67
C ARG A 773 5.15 -10.35 -24.97
N ASP A 774 5.05 -9.03 -24.76
CA ASP A 774 6.17 -8.15 -25.06
C ASP A 774 7.36 -8.44 -24.14
N LEU A 775 7.10 -8.69 -22.86
CA LEU A 775 8.20 -8.96 -21.94
C LEU A 775 8.82 -10.33 -22.19
N LEU A 776 8.02 -11.33 -22.56
CA LEU A 776 8.60 -12.62 -22.95
C LEU A 776 9.46 -12.47 -24.19
N ILE A 777 9.01 -11.69 -25.17
CA ILE A 777 9.80 -11.48 -26.38
C ILE A 777 11.09 -10.75 -26.05
N SER A 778 11.03 -9.74 -25.19
CA SER A 778 12.23 -9.01 -24.79
C SER A 778 13.21 -9.92 -24.05
N PHE A 779 12.71 -10.77 -23.16
CA PHE A 779 13.57 -11.72 -22.47
C PHE A 779 14.22 -12.69 -23.45
N ARG A 780 13.45 -13.15 -24.42
CA ARG A 780 13.98 -14.09 -25.44
C ARG A 780 15.11 -13.40 -26.21
N LYS A 781 14.88 -12.15 -26.64
CA LYS A 781 15.90 -11.42 -27.40
C LYS A 781 17.12 -11.15 -26.54
N ALA A 782 16.93 -10.86 -25.25
CA ALA A 782 18.06 -10.48 -24.41
C ALA A 782 18.93 -11.68 -24.06
N THR A 783 18.33 -12.82 -23.72
CA THR A 783 19.11 -13.96 -23.23
C THR A 783 19.31 -15.05 -24.27
N GLY A 784 18.72 -14.93 -25.46
CA GLY A 784 18.93 -15.89 -26.51
C GLY A 784 18.05 -17.12 -26.46
N GLN A 785 17.19 -17.25 -25.46
CA GLN A 785 16.33 -18.43 -25.35
C GLN A 785 15.05 -18.06 -24.63
N LYS A 786 13.97 -18.75 -24.98
CA LYS A 786 12.69 -18.52 -24.35
C LYS A 786 12.73 -19.03 -22.90
N PRO A 787 12.05 -18.36 -21.98
CA PRO A 787 11.99 -18.85 -20.60
C PRO A 787 11.21 -20.16 -20.52
N LEU A 788 11.58 -20.98 -19.56
CA LEU A 788 10.96 -22.29 -19.40
C LEU A 788 9.96 -22.36 -18.24
N ARG A 789 10.10 -21.51 -17.23
CA ARG A 789 9.15 -21.44 -16.14
C ARG A 789 8.90 -19.99 -15.76
N ILE A 790 7.74 -19.74 -15.16
CA ILE A 790 7.31 -18.38 -14.80
C ILE A 790 6.98 -18.36 -13.32
N ILE A 791 7.41 -17.28 -12.65
CA ILE A 791 7.09 -17.03 -11.25
C ILE A 791 6.48 -15.65 -11.19
N PHE A 792 5.17 -15.57 -10.96
CA PHE A 792 4.45 -14.31 -10.97
C PHE A 792 4.29 -13.79 -9.55
N TYR A 793 4.56 -12.49 -9.35
CA TYR A 793 4.45 -11.83 -8.06
C TYR A 793 3.46 -10.68 -8.20
N ARG A 794 2.18 -10.98 -8.02
CA ARG A 794 1.14 -9.97 -8.11
C ARG A 794 1.06 -9.16 -6.82
N ALA A 795 0.63 -7.91 -6.96
CA ALA A 795 0.46 -7.03 -5.81
C ALA A 795 -0.69 -6.07 -6.10
N GLY A 796 -1.21 -5.46 -5.03
CA GLY A 796 -2.27 -4.49 -5.18
C GLY A 796 -3.68 -5.04 -5.18
N VAL A 797 -3.87 -6.26 -4.67
CA VAL A 797 -5.19 -6.85 -4.57
C VAL A 797 -5.73 -6.63 -3.17
N SER A 798 -7.04 -6.80 -3.00
CA SER A 798 -7.72 -6.41 -1.76
C SER A 798 -8.44 -7.56 -1.07
N GLU A 799 -8.05 -8.81 -1.35
CA GLU A 799 -8.52 -10.00 -0.64
C GLU A 799 -9.98 -10.32 -0.94
N GLY A 800 -10.66 -9.43 -1.66
CA GLY A 800 -12.05 -9.66 -1.99
C GLY A 800 -12.21 -10.18 -3.39
N GLN A 801 -11.12 -10.22 -4.16
CA GLN A 801 -11.19 -10.61 -5.55
C GLN A 801 -10.03 -11.52 -5.95
N PHE A 802 -9.55 -12.35 -5.03
CA PHE A 802 -8.50 -13.30 -5.37
C PHE A 802 -8.94 -14.22 -6.51
N TYR A 803 -10.16 -14.74 -6.45
CA TYR A 803 -10.61 -15.67 -7.46
C TYR A 803 -10.65 -15.01 -8.84
N GLN A 804 -11.27 -13.82 -8.92
CA GLN A 804 -11.38 -13.15 -10.21
C GLN A 804 -10.02 -12.74 -10.75
N VAL A 805 -9.16 -12.18 -9.89
CA VAL A 805 -7.85 -11.74 -10.34
C VAL A 805 -7.03 -12.94 -10.82
N LEU A 806 -7.02 -14.02 -10.05
CA LEU A 806 -6.28 -15.21 -10.46
C LEU A 806 -6.81 -15.74 -11.79
N LEU A 807 -8.13 -15.88 -11.92
CA LEU A 807 -8.69 -16.42 -13.14
C LEU A 807 -8.31 -15.57 -14.35
N TYR A 808 -8.56 -14.26 -14.27
CA TYR A 808 -8.35 -13.42 -15.44
C TYR A 808 -6.87 -13.28 -15.76
N GLU A 809 -6.03 -13.00 -14.77
CA GLU A 809 -4.61 -12.77 -14.99
C GLU A 809 -3.81 -14.06 -15.11
N LEU A 810 -4.46 -15.21 -15.03
CA LEU A 810 -3.82 -16.46 -15.45
C LEU A 810 -4.28 -16.91 -16.83
N ASP A 811 -5.56 -16.69 -17.15
CA ASP A 811 -6.00 -16.94 -18.52
C ASP A 811 -5.28 -16.02 -19.51
N ALA A 812 -5.06 -14.77 -19.11
CA ALA A 812 -4.31 -13.85 -19.96
C ALA A 812 -2.89 -14.33 -20.18
N ILE A 813 -2.24 -14.80 -19.11
CA ILE A 813 -0.87 -15.31 -19.24
C ILE A 813 -0.84 -16.52 -20.15
N ARG A 814 -1.78 -17.44 -19.97
CA ARG A 814 -1.81 -18.63 -20.81
C ARG A 814 -2.03 -18.28 -22.27
N LYS A 815 -2.95 -17.36 -22.56
CA LYS A 815 -3.21 -16.98 -23.95
C LYS A 815 -2.03 -16.24 -24.55
N ALA A 816 -1.36 -15.39 -23.77
CA ALA A 816 -0.18 -14.68 -24.27
C ALA A 816 0.95 -15.65 -24.58
N CYS A 817 1.14 -16.66 -23.73
CA CYS A 817 2.17 -17.66 -23.97
C CYS A 817 1.84 -18.52 -25.18
N ALA A 818 0.56 -18.86 -25.35
CA ALA A 818 0.16 -19.66 -26.50
C ALA A 818 0.32 -18.88 -27.80
N SER A 819 -0.03 -17.59 -27.79
CA SER A 819 0.04 -16.80 -29.01
C SER A 819 1.47 -16.60 -29.49
N LEU A 820 2.42 -16.48 -28.55
CA LEU A 820 3.81 -16.20 -28.90
C LEU A 820 4.39 -17.32 -29.75
N GLU A 821 4.49 -18.52 -29.18
CA GLU A 821 4.81 -19.75 -29.90
C GLU A 821 3.76 -20.80 -29.62
N PRO A 822 3.37 -21.59 -30.62
CA PRO A 822 2.39 -22.66 -30.37
C PRO A 822 2.96 -23.72 -29.45
N ASN A 823 2.06 -24.31 -28.64
CA ASN A 823 2.40 -25.38 -27.70
C ASN A 823 3.49 -24.92 -26.73
N TYR A 824 3.44 -23.67 -26.31
CA TYR A 824 4.40 -23.11 -25.36
C TYR A 824 3.61 -22.64 -24.13
N GLN A 825 3.50 -23.52 -23.13
CA GLN A 825 2.77 -23.25 -21.91
C GLN A 825 3.68 -23.54 -20.71
N PRO A 826 4.54 -22.61 -20.34
CA PRO A 826 5.46 -22.85 -19.22
C PRO A 826 4.69 -22.85 -17.90
N PRO A 827 5.19 -23.56 -16.89
CA PRO A 827 4.54 -23.55 -15.58
C PRO A 827 4.56 -22.15 -14.97
N VAL A 828 3.51 -21.85 -14.22
CA VAL A 828 3.34 -20.54 -13.58
C VAL A 828 3.10 -20.74 -12.10
N THR A 829 3.56 -19.78 -11.29
CA THR A 829 3.38 -19.82 -9.84
C THR A 829 2.88 -18.43 -9.43
N PHE A 830 1.56 -18.30 -9.34
CA PHE A 830 0.93 -17.01 -9.06
C PHE A 830 0.99 -16.75 -7.56
N ILE A 831 1.76 -15.75 -7.16
CA ILE A 831 1.92 -15.35 -5.77
C ILE A 831 1.49 -13.90 -5.65
N VAL A 832 0.60 -13.62 -4.70
CA VAL A 832 0.14 -12.26 -4.43
C VAL A 832 0.79 -11.79 -3.14
N VAL A 833 1.45 -10.64 -3.20
CA VAL A 833 2.08 -10.01 -2.05
C VAL A 833 1.30 -8.77 -1.67
N GLN A 834 1.09 -8.58 -0.37
CA GLN A 834 0.42 -7.38 0.11
C GLN A 834 0.89 -7.10 1.53
N LYS A 835 1.30 -5.86 1.78
CA LYS A 835 1.75 -5.44 3.09
C LYS A 835 0.63 -4.79 3.91
N ARG A 836 -0.53 -4.55 3.30
CA ARG A 836 -1.63 -3.85 3.96
C ARG A 836 -2.44 -4.83 4.79
N HIS A 837 -1.98 -5.06 6.02
CA HIS A 837 -2.72 -5.86 6.98
C HIS A 837 -2.29 -5.41 8.37
N HIS A 838 -2.89 -6.03 9.39
CA HIS A 838 -2.66 -5.65 10.78
C HIS A 838 -2.23 -6.86 11.59
N THR A 839 -1.28 -7.63 11.06
CA THR A 839 -0.66 -8.73 11.78
C THR A 839 0.76 -8.30 12.14
N ARG A 840 1.01 -8.13 13.43
CA ARG A 840 2.29 -7.65 13.93
C ARG A 840 2.99 -8.75 14.72
N LEU A 841 4.31 -8.81 14.57
CA LEU A 841 5.14 -9.76 15.30
C LEU A 841 6.09 -8.99 16.20
N PHE A 842 6.15 -9.38 17.47
CA PHE A 842 6.98 -8.72 18.47
C PHE A 842 7.97 -9.71 19.06
N ALA A 843 9.11 -9.19 19.52
CA ALA A 843 10.12 -10.03 20.13
C ALA A 843 9.60 -10.60 21.45
N ASN A 844 9.87 -11.88 21.69
CA ASN A 844 9.40 -12.53 22.90
C ASN A 844 10.03 -11.92 24.14
N ASN A 845 11.34 -11.64 24.09
CA ASN A 845 12.06 -11.02 25.19
C ASN A 845 12.64 -9.70 24.70
N HIS A 846 12.23 -8.59 25.33
CA HIS A 846 12.72 -7.28 24.95
C HIS A 846 13.98 -6.87 25.72
N ARG A 847 14.40 -7.67 26.71
CA ARG A 847 15.62 -7.41 27.46
C ARG A 847 16.83 -8.14 26.88
N ASP A 848 16.66 -8.82 25.74
CA ASP A 848 17.72 -9.62 25.14
C ASP A 848 18.13 -9.02 23.80
N LYS A 849 19.32 -9.40 23.35
CA LYS A 849 19.90 -8.91 22.09
C LYS A 849 19.41 -9.69 20.88
N ASN A 850 18.29 -10.40 20.99
CA ASN A 850 17.73 -11.17 19.89
C ASN A 850 16.94 -10.34 18.90
N SER A 851 16.83 -9.03 19.12
CA SER A 851 16.11 -8.14 18.23
C SER A 851 17.09 -7.43 17.29
N THR A 852 16.57 -6.47 16.53
CA THR A 852 17.38 -5.70 15.61
C THR A 852 18.47 -4.94 16.39
N ASP A 853 19.50 -4.50 15.67
CA ASP A 853 20.62 -3.80 16.31
C ASP A 853 20.17 -2.54 17.03
N ARG A 854 19.02 -1.99 16.66
CA ARG A 854 18.42 -0.88 17.40
C ARG A 854 17.73 -1.43 18.63
N SER A 855 16.92 -0.59 19.29
CA SER A 855 16.08 -1.04 20.40
C SER A 855 14.70 -1.44 19.94
N GLY A 856 14.55 -1.92 18.72
CA GLY A 856 13.24 -2.09 18.13
C GLY A 856 12.84 -3.49 17.69
N ASN A 857 12.60 -3.64 16.38
CA ASN A 857 11.83 -4.74 15.84
C ASN A 857 12.61 -6.05 15.89
N ILE A 858 11.98 -7.11 15.40
CA ILE A 858 12.55 -8.46 15.34
C ILE A 858 13.62 -8.52 14.25
N LEU A 859 14.39 -9.61 14.24
CA LEU A 859 15.50 -9.72 13.32
C LEU A 859 15.01 -9.85 11.87
N PRO A 860 15.78 -9.34 10.92
CA PRO A 860 15.39 -9.50 9.51
C PRO A 860 15.48 -10.94 9.06
N GLY A 861 14.70 -11.26 8.04
CA GLY A 861 14.66 -12.61 7.51
C GLY A 861 14.07 -13.63 8.46
N THR A 862 12.98 -13.27 9.13
CA THR A 862 12.26 -14.20 10.01
C THR A 862 10.93 -14.56 9.35
N VAL A 863 10.66 -15.86 9.28
CA VAL A 863 9.48 -16.39 8.60
C VAL A 863 8.52 -16.97 9.62
N VAL A 864 7.23 -16.69 9.44
CA VAL A 864 6.17 -17.25 10.26
C VAL A 864 5.17 -17.92 9.34
N ASP A 865 4.89 -19.20 9.59
CA ASP A 865 3.88 -19.92 8.83
C ASP A 865 3.01 -20.79 9.73
N THR A 866 2.98 -20.52 11.03
CA THR A 866 2.23 -21.31 11.99
C THR A 866 1.40 -20.41 12.89
N LYS A 867 0.18 -20.86 13.19
CA LYS A 867 -0.66 -20.36 14.27
C LYS A 867 -1.27 -18.98 13.99
N ILE A 868 -0.85 -18.30 12.93
CA ILE A 868 -1.51 -17.05 12.56
C ILE A 868 -1.77 -17.00 11.06
N CYS A 869 -1.64 -18.14 10.39
CA CYS A 869 -1.75 -18.19 8.94
C CYS A 869 -3.01 -18.94 8.53
N HIS A 870 -3.22 -19.05 7.22
CA HIS A 870 -4.42 -19.69 6.70
C HIS A 870 -4.45 -21.16 7.09
N PRO A 871 -5.59 -21.68 7.52
CA PRO A 871 -5.63 -23.09 7.98
C PRO A 871 -5.22 -24.10 6.93
N THR A 872 -5.56 -23.87 5.67
CA THR A 872 -5.34 -24.89 4.65
C THR A 872 -4.55 -24.35 3.46
N GLU A 873 -4.77 -23.09 3.09
CA GLU A 873 -4.09 -22.53 1.94
C GLU A 873 -2.62 -22.29 2.27
N PHE A 874 -1.87 -21.80 1.27
CA PHE A 874 -0.42 -21.70 1.35
C PHE A 874 -0.03 -20.22 1.42
N ASP A 875 0.45 -19.80 2.58
CA ASP A 875 0.87 -18.43 2.78
C ASP A 875 1.87 -18.39 3.93
N PHE A 876 2.59 -17.26 4.04
CA PHE A 876 3.57 -17.10 5.09
C PHE A 876 3.83 -15.61 5.29
N TYR A 877 4.40 -15.29 6.45
CA TYR A 877 4.81 -13.93 6.80
C TYR A 877 6.32 -13.85 6.78
N LEU A 878 6.85 -12.83 6.11
CA LEU A 878 8.30 -12.66 5.97
C LEU A 878 8.67 -11.23 6.32
N CYS A 879 9.40 -11.05 7.42
CA CYS A 879 9.95 -9.76 7.82
C CYS A 879 11.42 -9.78 7.45
N SER A 880 11.72 -9.47 6.19
CA SER A 880 13.07 -9.53 5.67
C SER A 880 13.84 -8.21 5.80
N HIS A 881 13.19 -7.16 6.29
CA HIS A 881 13.81 -5.85 6.38
C HIS A 881 14.14 -5.52 7.84
N ALA A 882 15.20 -4.74 8.02
CA ALA A 882 15.59 -4.26 9.34
C ALA A 882 14.88 -2.94 9.59
N GLY A 883 13.84 -2.99 10.43
CA GLY A 883 13.06 -1.80 10.74
C GLY A 883 13.89 -0.70 11.37
N ILE A 884 13.74 0.52 10.87
CA ILE A 884 14.52 1.64 11.38
C ILE A 884 13.80 2.32 12.55
N GLN A 885 12.48 2.47 12.46
CA GLN A 885 11.70 3.04 13.54
C GLN A 885 10.31 2.46 13.49
N GLY A 886 9.62 2.54 14.62
CA GLY A 886 8.27 2.02 14.72
C GLY A 886 8.25 0.50 14.73
N THR A 887 7.05 -0.03 14.57
CA THR A 887 6.82 -1.47 14.53
C THR A 887 6.76 -1.90 13.07
N SER A 888 7.78 -2.62 12.61
CA SER A 888 7.82 -3.06 11.22
C SER A 888 6.71 -4.06 10.95
N ARG A 889 6.01 -3.86 9.83
CA ARG A 889 4.93 -4.75 9.44
C ARG A 889 5.44 -5.77 8.42
N PRO A 890 5.48 -7.05 8.75
CA PRO A 890 5.97 -8.04 7.79
C PRO A 890 5.05 -8.17 6.59
N ALA A 891 5.64 -8.46 5.43
CA ALA A 891 4.85 -8.67 4.23
C ALA A 891 4.14 -10.02 4.27
N HIS A 892 3.04 -10.11 3.54
CA HIS A 892 2.24 -11.33 3.47
C HIS A 892 2.27 -11.84 2.03
N TYR A 893 2.71 -13.08 1.86
CA TYR A 893 2.78 -13.72 0.55
C TYR A 893 1.78 -14.87 0.51
N HIS A 894 0.88 -14.83 -0.46
CA HIS A 894 -0.13 -15.87 -0.64
C HIS A 894 0.06 -16.50 -2.01
N VAL A 895 0.27 -17.81 -2.03
CA VAL A 895 0.55 -18.53 -3.28
C VAL A 895 -0.78 -19.10 -3.77
N LEU A 896 -1.47 -18.32 -4.62
CA LEU A 896 -2.74 -18.77 -5.17
C LEU A 896 -2.53 -19.97 -6.09
N TRP A 897 -1.59 -19.87 -7.00
CA TRP A 897 -1.32 -20.93 -7.98
C TRP A 897 0.11 -21.40 -7.85
N ASP A 898 0.32 -22.69 -8.10
CA ASP A 898 1.65 -23.29 -7.99
C ASP A 898 1.69 -24.48 -8.95
N GLU A 899 2.42 -24.32 -10.06
CA GLU A 899 2.64 -25.40 -11.01
C GLU A 899 4.07 -25.92 -11.01
N ASN A 900 5.01 -25.20 -10.40
CA ASN A 900 6.37 -25.69 -10.23
C ASN A 900 6.50 -26.65 -9.05
N ASN A 901 5.46 -26.79 -8.24
CA ASN A 901 5.48 -27.62 -7.04
C ASN A 901 6.60 -27.17 -6.09
N PHE A 902 6.52 -25.90 -5.71
CA PHE A 902 7.49 -25.34 -4.78
C PHE A 902 7.30 -25.93 -3.39
N THR A 903 8.41 -26.25 -2.74
CA THR A 903 8.36 -26.62 -1.34
C THR A 903 8.35 -25.37 -0.47
N ALA A 904 7.90 -25.53 0.77
CA ALA A 904 7.79 -24.39 1.68
C ALA A 904 9.15 -23.74 1.93
N ASP A 905 10.14 -24.56 2.26
CA ASP A 905 11.49 -24.04 2.47
C ASP A 905 12.01 -23.36 1.22
N GLY A 906 11.80 -23.99 0.06
CA GLY A 906 12.30 -23.41 -1.18
C GLY A 906 11.70 -22.06 -1.48
N ILE A 907 10.38 -21.94 -1.36
CA ILE A 907 9.73 -20.67 -1.70
C ILE A 907 10.08 -19.59 -0.69
N GLN A 908 10.11 -19.95 0.60
CA GLN A 908 10.46 -18.95 1.62
C GLN A 908 11.89 -18.48 1.44
N SER A 909 12.83 -19.40 1.19
CA SER A 909 14.22 -19.02 1.00
C SER A 909 14.41 -18.19 -0.26
N LEU A 910 13.70 -18.54 -1.34
CA LEU A 910 13.79 -17.76 -2.56
C LEU A 910 13.28 -16.34 -2.36
N THR A 911 12.11 -16.21 -1.73
CA THR A 911 11.55 -14.89 -1.50
C THR A 911 12.44 -14.06 -0.59
N ASN A 912 13.03 -14.68 0.43
CA ASN A 912 13.97 -13.97 1.29
C ASN A 912 15.22 -13.55 0.52
N ASN A 913 15.73 -14.42 -0.36
CA ASN A 913 16.98 -14.14 -1.06
C ASN A 913 16.80 -13.01 -2.07
N LEU A 914 15.68 -12.98 -2.79
CA LEU A 914 15.45 -11.88 -3.72
C LEU A 914 15.46 -10.52 -3.01
N CYS A 915 15.03 -10.47 -1.76
CA CYS A 915 15.00 -9.19 -1.05
C CYS A 915 16.38 -8.58 -0.86
N TYR A 916 17.44 -9.37 -1.05
CA TYR A 916 18.81 -8.89 -0.90
C TYR A 916 19.42 -8.43 -2.22
N THR A 917 18.66 -8.42 -3.31
CA THR A 917 19.17 -8.02 -4.62
C THR A 917 18.55 -6.71 -5.10
N TYR A 918 18.17 -5.84 -4.18
CA TYR A 918 17.60 -4.55 -4.56
C TYR A 918 18.69 -3.66 -5.13
N ALA A 919 18.40 -3.04 -6.29
CA ALA A 919 19.43 -2.31 -7.01
C ALA A 919 19.78 -0.99 -6.33
N ARG A 920 18.77 -0.23 -5.89
CA ARG A 920 18.99 1.13 -5.43
C ARG A 920 19.50 1.22 -4.00
N CYS A 921 19.52 0.13 -3.25
CA CYS A 921 19.86 0.16 -1.84
C CYS A 921 20.87 -0.93 -1.50
N THR A 922 21.62 -0.70 -0.43
CA THR A 922 22.56 -1.67 0.12
C THR A 922 21.96 -2.33 1.36
N ARG A 923 20.64 -2.56 1.32
CA ARG A 923 19.90 -3.14 2.43
C ARG A 923 18.85 -4.08 1.86
N SER A 924 18.31 -4.92 2.74
CA SER A 924 17.21 -5.81 2.38
C SER A 924 15.89 -5.06 2.46
N VAL A 925 15.05 -5.25 1.47
CA VAL A 925 13.78 -4.56 1.37
C VAL A 925 12.67 -5.45 1.89
N SER A 926 11.52 -4.84 2.21
CA SER A 926 10.43 -5.57 2.84
C SER A 926 9.74 -6.51 1.87
N ILE A 927 9.46 -6.04 0.66
CA ILE A 927 8.81 -6.87 -0.35
C ILE A 927 9.81 -7.18 -1.46
N VAL A 928 9.45 -8.17 -2.28
CA VAL A 928 10.35 -8.67 -3.32
C VAL A 928 10.64 -7.57 -4.32
N PRO A 929 11.85 -7.53 -4.89
CA PRO A 929 12.17 -6.52 -5.89
C PRO A 929 11.26 -6.57 -7.11
N PRO A 930 10.80 -7.76 -7.57
CA PRO A 930 9.81 -7.75 -8.66
C PRO A 930 8.60 -6.87 -8.38
N ALA A 931 7.89 -7.14 -7.28
CA ALA A 931 6.72 -6.35 -6.93
C ALA A 931 7.09 -4.91 -6.62
N TYR A 932 8.24 -4.68 -5.99
CA TYR A 932 8.65 -3.32 -5.65
C TYR A 932 8.90 -2.50 -6.91
N TYR A 933 9.58 -3.09 -7.90
CA TYR A 933 9.79 -2.42 -9.17
C TYR A 933 8.49 -2.20 -9.92
N ALA A 934 7.57 -3.16 -9.86
CA ALA A 934 6.26 -2.96 -10.49
C ALA A 934 5.54 -1.77 -9.86
N HIS A 935 5.58 -1.68 -8.53
CA HIS A 935 4.96 -0.54 -7.84
C HIS A 935 5.63 0.77 -8.23
N LEU A 936 6.96 0.77 -8.31
CA LEU A 936 7.67 1.99 -8.69
C LEU A 936 7.32 2.42 -10.11
N ALA A 937 7.24 1.47 -11.04
CA ALA A 937 6.87 1.79 -12.41
C ALA A 937 5.44 2.32 -12.48
N ALA A 938 4.52 1.71 -11.74
CA ALA A 938 3.14 2.18 -11.74
C ALA A 938 3.04 3.59 -11.17
N PHE A 939 3.81 3.87 -10.11
CA PHE A 939 3.79 5.21 -9.52
C PHE A 939 4.41 6.23 -10.46
N ARG A 940 5.45 5.83 -11.19
CA ARG A 940 6.12 6.73 -12.14
C ARG A 940 5.26 7.04 -13.35
N ALA A 941 4.48 6.07 -13.81
CA ALA A 941 3.71 6.25 -15.04
C ALA A 941 2.62 7.30 -14.91
N ARG A 942 2.28 7.71 -13.68
CA ARG A 942 1.29 8.77 -13.50
C ARG A 942 1.75 10.10 -14.08
N PHE A 943 3.06 10.28 -14.28
CA PHE A 943 3.59 11.51 -14.83
C PHE A 943 3.57 11.55 -16.36
N TYR A 944 3.24 10.43 -17.01
CA TYR A 944 3.20 10.38 -18.46
C TYR A 944 1.89 10.87 -19.04
N LEU A 945 0.78 10.70 -18.31
CA LEU A 945 -0.52 11.08 -18.83
C LEU A 945 -0.66 12.61 -18.86
N GLU A 946 -1.23 13.11 -19.95
CA GLU A 946 -1.47 14.54 -20.12
C GLU A 946 -2.48 14.79 -21.23
N VAL A 971 -6.40 10.73 -21.25
CA VAL A 971 -6.94 9.82 -22.25
C VAL A 971 -6.50 8.40 -21.90
N LYS A 972 -7.23 7.40 -22.40
CA LYS A 972 -6.92 6.02 -22.05
C LYS A 972 -5.52 5.57 -22.46
N PRO A 973 -5.03 5.83 -23.66
CA PRO A 973 -3.66 5.36 -23.99
C PRO A 973 -2.61 6.31 -23.42
N LEU A 974 -1.68 5.76 -22.65
CA LEU A 974 -0.53 6.51 -22.19
C LEU A 974 0.43 6.74 -23.36
N PRO A 975 1.25 7.80 -23.29
CA PRO A 975 2.27 7.98 -24.33
C PRO A 975 3.23 6.81 -24.38
N ALA A 976 3.65 6.45 -25.60
CA ALA A 976 4.51 5.29 -25.80
C ALA A 976 5.94 5.60 -25.37
N LEU A 977 6.53 4.70 -24.59
CA LEU A 977 7.91 4.86 -24.17
C LEU A 977 8.85 4.72 -25.37
N LYS A 978 9.98 5.43 -25.29
CA LYS A 978 10.96 5.35 -26.36
C LYS A 978 11.63 3.98 -26.38
N GLU A 979 12.09 3.58 -27.56
CA GLU A 979 12.66 2.25 -27.74
C GLU A 979 14.02 2.09 -27.08
N ASN A 980 14.68 3.19 -26.73
CA ASN A 980 15.97 3.14 -26.04
C ASN A 980 15.84 3.21 -24.53
N VAL A 981 14.61 3.21 -24.01
CA VAL A 981 14.38 3.32 -22.58
C VAL A 981 13.74 2.06 -22.00
N LYS A 982 12.94 1.33 -22.79
CA LYS A 982 12.22 0.17 -22.27
C LYS A 982 13.14 -0.98 -21.87
N ARG A 983 14.38 -0.99 -22.34
CA ARG A 983 15.31 -2.06 -22.04
C ARG A 983 16.16 -1.79 -20.81
N VAL A 984 15.95 -0.67 -20.14
CA VAL A 984 16.73 -0.28 -18.97
C VAL A 984 15.77 0.14 -17.87
N MET A 985 16.19 -0.03 -16.61
CA MET A 985 15.37 0.37 -15.47
C MET A 985 15.34 1.89 -15.38
N PHE A 986 14.44 2.49 -16.15
CA PHE A 986 14.26 3.94 -16.09
C PHE A 986 13.60 4.35 -14.78
N TYR A 987 12.80 3.47 -14.17
CA TYR A 987 12.04 3.84 -12.99
C TYR A 987 12.92 3.92 -11.75
N CYS A 988 13.99 3.15 -11.68
CA CYS A 988 14.85 3.15 -10.51
C CYS A 988 15.72 4.40 -10.47
MG MG C . 1.33 -1.24 -5.39
#